data_1ICO
#
_entry.id   1ICO
#
_cell.length_a   1.000
_cell.length_b   1.000
_cell.length_c   1.000
_cell.angle_alpha   90.00
_cell.angle_beta   90.00
_cell.angle_gamma   90.00
#
_symmetry.space_group_name_H-M   'P 1'
#
_entity_poly.entity_id   1
_entity_poly.type   'polypeptide(L)'
_entity_poly.pdbx_seq_one_letter_code
;SKYEYTI(DPR)SYTFRGPGCPTVKP(DAL)VTIRCE
;
_entity_poly.pdbx_strand_id   A
#
# COMPACT_ATOMS: atom_id res chain seq x y z
N SER A 1 3.92 9.01 -7.41
CA SER A 1 3.49 7.65 -7.01
C SER A 1 3.60 7.50 -5.48
N LYS A 2 2.50 7.05 -4.84
CA LYS A 2 2.41 6.85 -3.37
C LYS A 2 1.62 5.53 -3.10
N TYR A 3 2.20 4.61 -2.28
CA TYR A 3 1.57 3.32 -1.91
C TYR A 3 0.64 3.51 -0.70
N GLU A 4 -0.60 3.01 -0.82
CA GLU A 4 -1.55 2.91 0.33
C GLU A 4 -1.69 1.37 0.45
N TYR A 5 -0.92 0.75 1.39
CA TYR A 5 -0.94 -0.71 1.65
C TYR A 5 -1.57 -0.85 3.04
N THR A 6 -2.68 -1.59 3.06
CA THR A 6 -3.58 -1.68 4.23
C THR A 6 -3.36 -3.09 4.83
N ILE A 7 -3.25 -3.12 6.18
CA ILE A 7 -2.78 -4.33 6.91
C ILE A 7 -3.87 -4.44 8.07
N SER A 9 -6.71 -3.44 10.32
CA SER A 9 -7.55 -2.21 10.43
C SER A 9 -6.75 -0.89 10.21
N TYR A 10 -5.47 -0.95 9.79
CA TYR A 10 -4.54 0.21 9.78
C TYR A 10 -4.16 0.49 8.31
N THR A 11 -4.37 1.74 7.83
CA THR A 11 -4.04 2.17 6.46
C THR A 11 -2.65 2.84 6.55
N PHE A 12 -1.66 2.22 5.89
CA PHE A 12 -0.26 2.74 5.88
C PHE A 12 -0.07 3.37 4.48
N ARG A 13 0.10 4.71 4.42
CA ARG A 13 0.07 5.48 3.14
C ARG A 13 1.39 6.33 3.10
N GLY A 14 2.25 6.11 2.09
CA GLY A 14 3.53 6.86 1.92
C GLY A 14 4.23 6.76 0.51
N PRO A 15 5.54 7.08 0.20
CA PRO A 15 6.09 6.98 -1.19
C PRO A 15 6.66 5.56 -1.54
N GLY A 16 6.82 5.29 -2.86
CA GLY A 16 7.41 4.04 -3.38
C GLY A 16 6.32 2.97 -3.56
N CYS A 17 6.10 2.51 -4.80
CA CYS A 17 5.04 1.52 -5.13
C CYS A 17 5.60 0.04 -5.30
N PRO A 18 5.80 -0.82 -4.23
CA PRO A 18 6.08 -2.28 -4.40
C PRO A 18 4.78 -3.14 -4.63
N THR A 19 4.93 -4.45 -4.88
CA THR A 19 3.80 -5.45 -4.86
C THR A 19 3.77 -6.19 -3.48
N VAL A 20 2.59 -6.74 -3.14
CA VAL A 20 2.25 -7.24 -1.75
C VAL A 20 1.79 -8.75 -1.77
N LYS A 21 1.88 -9.39 -0.58
CA LYS A 21 1.47 -10.80 -0.34
C LYS A 21 -0.09 -11.01 -0.19
N PRO A 22 -0.76 -12.24 -0.27
CA PRO A 22 -2.24 -12.38 -0.10
C PRO A 22 -2.74 -11.99 1.30
N VAL A 24 -2.81 -8.40 2.33
CA VAL A 24 -2.46 -6.97 2.05
C VAL A 24 -2.72 -6.74 0.52
N THR A 25 -3.31 -5.57 0.16
CA THR A 25 -3.64 -5.20 -1.23
C THR A 25 -3.34 -3.68 -1.28
N ILE A 26 -2.25 -3.38 -1.99
CA ILE A 26 -1.68 -2.03 -2.24
C ILE A 26 -2.56 -1.17 -3.23
N ARG A 27 -2.36 0.15 -3.19
CA ARG A 27 -2.90 1.11 -4.18
C ARG A 27 -1.75 2.11 -4.32
N CYS A 28 -1.31 2.17 -5.56
CA CYS A 28 -0.37 3.20 -6.05
C CYS A 28 -1.21 4.30 -6.73
N GLU A 29 -1.19 5.51 -6.13
CA GLU A 29 -2.10 6.63 -6.50
C GLU A 29 -1.47 7.44 -7.65
N SER A 1 2.97 8.83 -7.72
CA SER A 1 2.78 7.46 -7.23
C SER A 1 2.90 7.45 -5.69
N LYS A 2 1.89 6.88 -5.02
CA LYS A 2 1.84 6.75 -3.53
C LYS A 2 1.10 5.42 -3.22
N TYR A 3 1.74 4.56 -2.38
CA TYR A 3 1.19 3.25 -1.98
C TYR A 3 0.29 3.42 -0.73
N GLU A 4 -0.95 2.94 -0.83
CA GLU A 4 -1.87 2.79 0.34
C GLU A 4 -1.93 1.24 0.47
N TYR A 5 -1.10 0.68 1.39
CA TYR A 5 -1.04 -0.78 1.66
C TYR A 5 -1.62 -0.94 3.06
N THR A 6 -2.70 -1.72 3.11
CA THR A 6 -3.58 -1.83 4.30
C THR A 6 -3.29 -3.23 4.92
N ILE A 7 -3.15 -3.25 6.26
CA ILE A 7 -2.62 -4.43 6.99
C ILE A 7 -3.67 -4.56 8.17
N SER A 9 -6.50 -3.64 10.47
CA SER A 9 -7.38 -2.44 10.59
C SER A 9 -6.64 -1.09 10.33
N TYR A 10 -5.35 -1.11 9.91
CA TYR A 10 -4.48 0.08 9.86
C TYR A 10 -4.14 0.37 8.38
N THR A 11 -4.42 1.61 7.91
CA THR A 11 -4.16 2.03 6.51
C THR A 11 -2.80 2.78 6.57
N PHE A 12 -1.80 2.20 5.87
CA PHE A 12 -0.43 2.77 5.81
C PHE A 12 -0.31 3.39 4.40
N ARG A 13 -0.21 4.74 4.33
CA ARG A 13 -0.31 5.49 3.04
C ARG A 13 0.94 6.41 2.94
N GLY A 14 1.77 6.25 1.88
CA GLY A 14 2.99 7.09 1.65
C GLY A 14 3.68 6.95 0.25
N PRO A 15 4.99 7.27 -0.07
CA PRO A 15 5.56 7.12 -1.45
C PRO A 15 6.17 5.70 -1.74
N GLY A 16 6.34 5.36 -3.04
CA GLY A 16 7.00 4.12 -3.49
C GLY A 16 5.97 2.98 -3.60
N CYS A 17 5.77 2.44 -4.80
CA CYS A 17 4.78 1.34 -5.05
C CYS A 17 5.50 -0.07 -5.14
N PRO A 18 5.78 -0.87 -4.03
CA PRO A 18 6.26 -2.27 -4.14
C PRO A 18 5.11 -3.32 -4.35
N THR A 19 5.49 -4.61 -4.54
CA THR A 19 4.56 -5.78 -4.54
C THR A 19 4.13 -6.17 -3.08
N VAL A 20 2.97 -6.89 -2.97
CA VAL A 20 2.42 -7.34 -1.65
C VAL A 20 1.94 -8.83 -1.70
N LYS A 21 1.97 -9.49 -0.52
CA LYS A 21 1.57 -10.90 -0.32
C LYS A 21 0.00 -11.13 -0.24
N PRO A 22 -0.68 -12.35 -0.29
CA PRO A 22 -2.16 -12.45 -0.18
C PRO A 22 -2.65 -12.12 1.26
N VAL A 24 -2.61 -8.49 2.37
CA VAL A 24 -2.27 -7.06 2.10
C VAL A 24 -2.52 -6.84 0.56
N THR A 25 -3.27 -5.77 0.22
CA THR A 25 -3.58 -5.40 -1.19
C THR A 25 -3.51 -3.87 -1.29
N ILE A 26 -2.46 -3.52 -2.00
CA ILE A 26 -1.95 -2.13 -2.23
C ILE A 26 -2.88 -1.29 -3.17
N ARG A 27 -2.69 0.05 -3.14
CA ARG A 27 -3.27 1.00 -4.12
C ARG A 27 -2.12 2.00 -4.32
N CYS A 28 -1.66 1.96 -5.55
CA CYS A 28 -0.69 2.94 -6.09
C CYS A 28 -1.51 4.05 -6.79
N GLU A 29 -1.42 5.29 -6.26
CA GLU A 29 -2.29 6.43 -6.64
C GLU A 29 -1.77 7.10 -7.93
N SER A 1 3.60 8.81 -7.45
CA SER A 1 3.18 7.47 -6.98
C SER A 1 3.30 7.41 -5.44
N LYS A 2 2.20 6.97 -4.79
CA LYS A 2 2.11 6.84 -3.30
C LYS A 2 1.35 5.52 -2.97
N TYR A 3 1.96 4.63 -2.15
CA TYR A 3 1.38 3.34 -1.75
C TYR A 3 0.48 3.52 -0.52
N GLU A 4 -0.79 3.07 -0.61
CA GLU A 4 -1.70 2.93 0.55
C GLU A 4 -1.81 1.39 0.66
N TYR A 5 -1.03 0.78 1.59
CA TYR A 5 -0.97 -0.70 1.78
C TYR A 5 -1.56 -0.92 3.16
N THR A 6 -2.78 -1.47 3.13
CA THR A 6 -3.68 -1.54 4.30
C THR A 6 -3.50 -2.95 4.92
N ILE A 7 -3.21 -2.96 6.23
CA ILE A 7 -2.74 -4.19 6.93
C ILE A 7 -3.93 -4.51 7.91
N SER A 9 -6.89 -3.63 9.69
CA SER A 9 -7.64 -2.36 9.84
C SER A 9 -6.76 -1.08 9.75
N TYR A 10 -5.42 -1.23 9.68
CA TYR A 10 -4.45 -0.12 9.82
C TYR A 10 -4.08 0.40 8.41
N THR A 11 -4.21 1.71 8.15
CA THR A 11 -3.99 2.31 6.81
C THR A 11 -2.56 2.92 6.88
N PHE A 12 -1.62 2.31 6.14
CA PHE A 12 -0.23 2.84 6.00
C PHE A 12 -0.18 3.50 4.59
N ARG A 13 0.11 4.82 4.53
CA ARG A 13 0.00 5.62 3.28
C ARG A 13 1.26 6.52 3.19
N GLY A 14 2.09 6.34 2.12
CA GLY A 14 3.31 7.16 1.89
C GLY A 14 3.99 6.97 0.48
N PRO A 15 5.31 7.26 0.16
CA PRO A 15 5.88 7.07 -1.21
C PRO A 15 6.43 5.61 -1.48
N GLY A 16 6.59 5.26 -2.77
CA GLY A 16 7.20 3.99 -3.20
C GLY A 16 6.13 2.89 -3.32
N CYS A 17 5.92 2.38 -4.55
CA CYS A 17 4.90 1.32 -4.81
C CYS A 17 5.58 -0.10 -4.96
N PRO A 18 5.87 -0.95 -3.89
CA PRO A 18 6.33 -2.35 -4.04
C PRO A 18 5.17 -3.37 -4.30
N THR A 19 5.55 -4.65 -4.59
CA THR A 19 4.62 -5.82 -4.63
C THR A 19 4.24 -6.31 -3.20
N VAL A 20 3.05 -6.97 -3.07
CA VAL A 20 2.48 -7.36 -1.75
C VAL A 20 1.88 -8.83 -1.78
N LYS A 21 1.86 -9.46 -0.59
CA LYS A 21 1.35 -10.83 -0.36
C LYS A 21 -0.23 -10.95 -0.31
N PRO A 22 -1.00 -12.12 -0.35
CA PRO A 22 -2.48 -12.12 -0.23
C PRO A 22 -2.97 -11.76 1.20
N VAL A 24 -2.76 -8.22 2.40
CA VAL A 24 -2.29 -6.84 2.07
C VAL A 24 -2.48 -6.68 0.52
N THR A 25 -3.27 -5.67 0.09
CA THR A 25 -3.56 -5.38 -1.32
C THR A 25 -3.42 -3.83 -1.37
N ILE A 26 -2.34 -3.45 -2.05
CA ILE A 26 -1.84 -2.05 -2.21
C ILE A 26 -2.78 -1.15 -3.10
N ARG A 27 -2.62 0.19 -2.98
CA ARG A 27 -3.20 1.18 -3.91
C ARG A 27 -2.03 2.15 -4.09
N CYS A 28 -1.58 2.13 -5.33
CA CYS A 28 -0.60 3.11 -5.86
C CYS A 28 -1.42 4.17 -6.62
N GLU A 29 -1.45 5.39 -6.06
CA GLU A 29 -2.37 6.49 -6.49
C GLU A 29 -1.74 7.25 -7.66
N SER A 1 3.81 8.93 -7.51
CA SER A 1 3.37 7.59 -7.10
C SER A 1 3.52 7.44 -5.57
N LYS A 2 2.43 7.03 -4.90
CA LYS A 2 2.38 6.82 -3.41
C LYS A 2 1.57 5.53 -3.11
N TYR A 3 2.14 4.62 -2.29
CA TYR A 3 1.47 3.34 -1.91
C TYR A 3 0.56 3.55 -0.70
N GLU A 4 -0.68 3.04 -0.80
CA GLU A 4 -1.62 2.94 0.34
C GLU A 4 -1.80 1.41 0.45
N TYR A 5 -1.04 0.77 1.38
CA TYR A 5 -1.09 -0.69 1.64
C TYR A 5 -1.71 -0.82 3.03
N THR A 6 -2.83 -1.54 3.04
CA THR A 6 -3.74 -1.62 4.21
C THR A 6 -3.54 -3.03 4.83
N ILE A 7 -3.43 -3.07 6.16
CA ILE A 7 -2.99 -4.28 6.89
C ILE A 7 -4.07 -4.37 8.05
N SER A 9 -6.89 -3.33 10.33
CA SER A 9 -7.71 -2.08 10.44
C SER A 9 -6.89 -0.77 10.23
N TYR A 10 -5.61 -0.86 9.79
CA TYR A 10 -4.67 0.29 9.78
C TYR A 10 -4.28 0.56 8.31
N THR A 11 -4.46 1.82 7.84
CA THR A 11 -4.14 2.24 6.45
C THR A 11 -2.74 2.89 6.56
N PHE A 12 -1.77 2.25 5.89
CA PHE A 12 -0.35 2.74 5.88
C PHE A 12 -0.15 3.37 4.48
N ARG A 13 0.04 4.71 4.43
CA ARG A 13 0.03 5.49 3.15
C ARG A 13 1.35 6.31 3.12
N GLY A 14 2.21 6.08 2.11
CA GLY A 14 3.50 6.81 1.95
C GLY A 14 4.18 6.71 0.52
N PRO A 15 5.49 7.05 0.20
CA PRO A 15 6.03 6.97 -1.20
C PRO A 15 6.58 5.55 -1.58
N GLY A 16 6.72 5.29 -2.90
CA GLY A 16 7.28 4.04 -3.44
C GLY A 16 6.19 2.99 -3.62
N CYS A 17 5.94 2.54 -4.86
CA CYS A 17 4.87 1.56 -5.19
C CYS A 17 5.43 0.09 -5.39
N PRO A 18 5.65 -0.80 -4.35
CA PRO A 18 5.94 -2.25 -4.56
C PRO A 18 4.63 -3.11 -4.78
N THR A 19 4.79 -4.40 -5.10
CA THR A 19 3.67 -5.41 -5.08
C THR A 19 3.69 -6.18 -3.71
N VAL A 20 2.52 -6.74 -3.34
CA VAL A 20 2.23 -7.25 -1.95
C VAL A 20 1.75 -8.75 -1.95
N LYS A 21 1.90 -9.42 -0.78
CA LYS A 21 1.54 -10.82 -0.51
C LYS A 21 -0.01 -11.20 -0.51
N PRO A 22 -0.54 -12.46 -0.21
CA PRO A 22 -2.01 -12.73 -0.07
C PRO A 22 -2.54 -12.22 1.30
N VAL A 24 -2.77 -8.54 2.20
CA VAL A 24 -2.50 -7.08 1.95
C VAL A 24 -2.72 -6.84 0.42
N THR A 25 -3.32 -5.69 0.07
CA THR A 25 -3.65 -5.30 -1.32
C THR A 25 -3.40 -3.77 -1.34
N ILE A 26 -2.31 -3.43 -2.04
CA ILE A 26 -1.77 -2.07 -2.25
C ILE A 26 -2.66 -1.21 -3.22
N ARG A 27 -2.46 0.13 -3.18
CA ARG A 27 -3.02 1.09 -4.16
C ARG A 27 -1.86 2.09 -4.30
N CYS A 28 -1.46 2.19 -5.55
CA CYS A 28 -0.53 3.23 -6.03
C CYS A 28 -1.38 4.36 -6.65
N GLU A 29 -1.34 5.56 -6.02
CA GLU A 29 -2.27 6.69 -6.32
C GLU A 29 -1.64 7.54 -7.43
N SER A 1 3.66 9.07 -7.51
CA SER A 1 3.29 7.70 -7.10
C SER A 1 3.42 7.58 -5.57
N LYS A 2 2.33 7.11 -4.91
CA LYS A 2 2.26 6.92 -3.43
C LYS A 2 1.44 5.64 -3.14
N TYR A 3 2.04 4.69 -2.38
CA TYR A 3 1.41 3.38 -2.05
C TYR A 3 0.50 3.52 -0.81
N GLU A 4 -0.74 3.01 -0.89
CA GLU A 4 -1.64 2.92 0.29
C GLU A 4 -1.80 1.38 0.46
N TYR A 5 -0.98 0.78 1.36
CA TYR A 5 -0.98 -0.67 1.62
C TYR A 5 -1.53 -0.83 3.04
N THR A 6 -2.62 -1.59 3.11
CA THR A 6 -3.46 -1.71 4.31
C THR A 6 -3.18 -3.11 4.92
N ILE A 7 -3.00 -3.14 6.26
CA ILE A 7 -2.47 -4.32 6.97
C ILE A 7 -3.51 -4.46 8.15
N SER A 9 -6.34 -3.52 10.44
CA SER A 9 -7.21 -2.31 10.56
C SER A 9 -6.45 -0.97 10.32
N TYR A 10 -5.16 -1.01 9.89
CA TYR A 10 -4.28 0.18 9.85
C TYR A 10 -3.90 0.45 8.38
N THR A 11 -4.15 1.69 7.89
CA THR A 11 -3.87 2.09 6.49
C THR A 11 -2.49 2.80 6.54
N PHE A 12 -1.51 2.20 5.85
CA PHE A 12 -0.13 2.74 5.79
C PHE A 12 0.01 3.39 4.39
N ARG A 13 0.14 4.73 4.33
CA ARG A 13 0.06 5.52 3.06
C ARG A 13 1.33 6.40 3.00
N GLY A 14 2.16 6.25 1.94
CA GLY A 14 3.39 7.08 1.74
C GLY A 14 4.11 6.92 0.35
N PRO A 15 5.42 7.32 0.05
CA PRO A 15 6.02 7.15 -1.31
C PRO A 15 6.76 5.79 -1.54
N GLY A 16 6.97 5.41 -2.82
CA GLY A 16 7.75 4.22 -3.21
C GLY A 16 6.85 2.97 -3.21
N CYS A 17 6.55 2.41 -4.39
CA CYS A 17 5.52 1.35 -4.56
C CYS A 17 6.13 -0.11 -4.61
N PRO A 18 6.27 -0.96 -3.52
CA PRO A 18 6.65 -2.40 -3.63
C PRO A 18 5.45 -3.34 -4.01
N THR A 19 5.74 -4.65 -4.22
CA THR A 19 4.72 -5.73 -4.35
C THR A 19 4.13 -6.16 -2.97
N VAL A 20 2.93 -6.81 -2.98
CA VAL A 20 2.20 -7.22 -1.74
C VAL A 20 1.65 -8.68 -1.85
N LYS A 21 1.52 -9.35 -0.68
CA LYS A 21 0.97 -10.71 -0.51
C LYS A 21 -0.62 -10.76 -0.52
N PRO A 22 -1.43 -11.90 -0.65
CA PRO A 22 -2.91 -11.85 -0.62
C PRO A 22 -3.45 -11.53 0.81
N VAL A 24 -3.15 -8.02 2.12
CA VAL A 24 -2.64 -6.62 1.97
C VAL A 24 -2.79 -6.31 0.43
N THR A 25 -3.58 -5.28 0.09
CA THR A 25 -3.90 -4.89 -1.29
C THR A 25 -3.60 -3.37 -1.35
N ILE A 26 -2.48 -3.10 -2.00
CA ILE A 26 -1.86 -1.78 -2.22
C ILE A 26 -2.68 -0.81 -3.15
N ARG A 27 -2.36 0.51 -3.10
CA ARG A 27 -2.85 1.50 -4.08
C ARG A 27 -1.69 2.48 -4.29
N CYS A 28 -1.04 2.26 -5.42
CA CYS A 28 -0.03 3.19 -5.97
C CYS A 28 -0.81 4.18 -6.87
N GLU A 29 -1.18 5.31 -6.22
CA GLU A 29 -2.20 6.28 -6.74
C GLU A 29 -1.62 7.12 -7.88
N SER A 1 3.57 9.17 -7.34
CA SER A 1 3.17 7.81 -6.94
C SER A 1 3.25 7.69 -5.40
N LYS A 2 2.15 7.19 -4.80
CA LYS A 2 2.03 6.99 -3.32
C LYS A 2 1.21 5.70 -3.07
N TYR A 3 1.77 4.75 -2.29
CA TYR A 3 1.09 3.47 -1.94
C TYR A 3 0.24 3.64 -0.67
N GLU A 4 -0.99 3.10 -0.70
CA GLU A 4 -1.86 2.99 0.50
C GLU A 4 -2.03 1.45 0.61
N TYR A 5 -1.24 0.81 1.50
CA TYR A 5 -1.30 -0.66 1.75
C TYR A 5 -1.86 -0.81 3.16
N THR A 6 -2.97 -1.57 3.21
CA THR A 6 -3.81 -1.68 4.42
C THR A 6 -3.56 -3.10 5.00
N ILE A 7 -3.35 -3.15 6.32
CA ILE A 7 -2.83 -4.37 7.00
C ILE A 7 -3.87 -4.50 8.20
N SER A 9 -6.62 -3.54 10.61
CA SER A 9 -7.44 -2.31 10.78
C SER A 9 -6.65 -0.98 10.57
N TYR A 10 -5.39 -1.04 10.07
CA TYR A 10 -4.46 0.11 10.04
C TYR A 10 -4.13 0.42 8.56
N THR A 11 -4.34 1.69 8.14
CA THR A 11 -4.09 2.14 6.74
C THR A 11 -2.68 2.79 6.78
N PHE A 12 -1.73 2.13 6.10
CA PHE A 12 -0.32 2.60 6.04
C PHE A 12 -0.17 3.26 4.64
N ARG A 13 0.13 4.59 4.60
CA ARG A 13 0.05 5.39 3.34
C ARG A 13 1.33 6.26 3.25
N GLY A 14 2.13 6.10 2.17
CA GLY A 14 3.38 6.88 1.95
C GLY A 14 4.06 6.73 0.54
N PRO A 15 5.31 7.23 0.16
CA PRO A 15 5.85 7.08 -1.23
C PRO A 15 6.67 5.77 -1.47
N GLY A 16 6.78 5.37 -2.75
CA GLY A 16 7.56 4.18 -3.19
C GLY A 16 6.71 2.90 -3.08
N CYS A 17 6.25 2.36 -4.23
CA CYS A 17 5.23 1.28 -4.28
C CYS A 17 5.87 -0.18 -4.33
N PRO A 18 6.03 -1.01 -3.22
CA PRO A 18 6.44 -2.44 -3.33
C PRO A 18 5.25 -3.41 -3.72
N THR A 19 5.56 -4.70 -3.97
CA THR A 19 4.57 -5.81 -4.10
C THR A 19 4.00 -6.27 -2.72
N VAL A 20 2.80 -6.93 -2.74
CA VAL A 20 2.03 -7.23 -1.50
C VAL A 20 1.51 -8.72 -1.47
N LYS A 21 1.32 -9.21 -0.22
CA LYS A 21 0.84 -10.56 0.12
C LYS A 21 -0.67 -10.89 -0.25
N PRO A 22 -1.19 -12.18 -0.28
CA PRO A 22 -2.65 -12.45 -0.41
C PRO A 22 -3.40 -12.10 0.92
N VAL A 24 -3.22 -8.35 2.04
CA VAL A 24 -2.79 -6.91 1.90
C VAL A 24 -2.95 -6.58 0.37
N THR A 25 -3.76 -5.55 0.05
CA THR A 25 -4.08 -5.16 -1.33
C THR A 25 -3.87 -3.62 -1.33
N ILE A 26 -2.76 -3.28 -1.98
CA ILE A 26 -2.20 -1.91 -2.16
C ILE A 26 -3.06 -0.99 -3.10
N ARG A 27 -2.84 0.34 -2.99
CA ARG A 27 -3.34 1.35 -3.96
C ARG A 27 -2.17 2.34 -4.11
N CYS A 28 -1.51 2.14 -5.23
CA CYS A 28 -0.47 3.04 -5.76
C CYS A 28 -1.17 3.92 -6.82
N GLU A 29 -1.26 5.24 -6.52
CA GLU A 29 -2.13 6.20 -7.28
C GLU A 29 -1.68 6.44 -8.74
N SER A 1 3.68 8.99 -7.35
CA SER A 1 3.24 7.65 -6.96
C SER A 1 3.34 7.50 -5.42
N LYS A 2 2.23 7.05 -4.79
CA LYS A 2 2.13 6.84 -3.32
C LYS A 2 1.35 5.53 -3.04
N TYR A 3 1.92 4.61 -2.24
CA TYR A 3 1.29 3.33 -1.86
C TYR A 3 0.41 3.51 -0.62
N GLU A 4 -0.85 3.06 -0.70
CA GLU A 4 -1.77 2.93 0.47
C GLU A 4 -1.89 1.39 0.56
N TYR A 5 -1.11 0.76 1.47
CA TYR A 5 -1.14 -0.71 1.70
C TYR A 5 -1.76 -0.86 3.10
N THR A 6 -2.90 -1.56 3.12
CA THR A 6 -3.78 -1.64 4.29
C THR A 6 -3.60 -3.06 4.89
N ILE A 7 -3.47 -3.12 6.23
CA ILE A 7 -3.02 -4.34 6.93
C ILE A 7 -4.09 -4.43 8.10
N SER A 9 -6.86 -3.37 10.43
CA SER A 9 -7.65 -2.12 10.57
C SER A 9 -6.82 -0.82 10.35
N TYR A 10 -5.53 -0.91 9.92
CA TYR A 10 -4.58 0.23 9.92
C TYR A 10 -4.22 0.54 8.44
N THR A 11 -4.42 1.80 8.02
CA THR A 11 -4.15 2.24 6.63
C THR A 11 -2.74 2.88 6.69
N PHE A 12 -1.78 2.24 6.01
CA PHE A 12 -0.37 2.71 5.96
C PHE A 12 -0.19 3.36 4.56
N ARG A 13 0.05 4.68 4.52
CA ARG A 13 -0.01 5.48 3.26
C ARG A 13 1.29 6.34 3.17
N GLY A 14 2.11 6.15 2.12
CA GLY A 14 3.36 6.93 1.90
C GLY A 14 4.03 6.77 0.49
N PRO A 15 5.37 7.03 0.15
CA PRO A 15 5.91 6.86 -1.23
C PRO A 15 6.45 5.42 -1.54
N GLY A 16 6.59 5.10 -2.85
CA GLY A 16 7.19 3.83 -3.33
C GLY A 16 6.11 2.74 -3.43
N CYS A 17 5.87 2.23 -4.66
CA CYS A 17 4.82 1.21 -4.91
C CYS A 17 5.45 -0.24 -5.06
N PRO A 18 5.72 -1.08 -3.98
CA PRO A 18 6.13 -2.52 -4.13
C PRO A 18 4.93 -3.50 -4.36
N THR A 19 5.24 -4.80 -4.59
CA THR A 19 4.26 -5.93 -4.58
C THR A 19 3.81 -6.30 -3.13
N VAL A 20 2.62 -6.96 -3.00
CA VAL A 20 2.06 -7.36 -1.67
C VAL A 20 1.49 -8.83 -1.68
N LYS A 21 1.44 -9.43 -0.47
CA LYS A 21 1.13 -10.85 -0.23
C LYS A 21 -0.41 -11.26 -0.35
N PRO A 22 -0.93 -12.55 -0.14
CA PRO A 22 -2.39 -12.85 -0.07
C PRO A 22 -2.97 -12.33 1.29
N VAL A 24 -2.98 -8.52 2.12
CA VAL A 24 -2.66 -7.07 1.90
C VAL A 24 -2.85 -6.83 0.36
N THR A 25 -3.51 -5.70 0.01
CA THR A 25 -3.83 -5.32 -1.37
C THR A 25 -3.63 -3.78 -1.37
N ILE A 26 -2.55 -3.41 -2.05
CA ILE A 26 -2.02 -2.03 -2.22
C ILE A 26 -2.94 -1.12 -3.12
N ARG A 27 -2.70 0.20 -3.06
CA ARG A 27 -3.26 1.19 -4.00
C ARG A 27 -2.08 2.16 -4.18
N CYS A 28 -1.63 2.14 -5.42
CA CYS A 28 -0.63 3.11 -5.93
C CYS A 28 -1.43 4.21 -6.67
N GLU A 29 -1.43 5.42 -6.09
CA GLU A 29 -2.33 6.54 -6.50
C GLU A 29 -1.68 7.31 -7.66
N SER A 1 3.09 8.93 -7.55
CA SER A 1 2.95 7.56 -7.01
C SER A 1 3.00 7.61 -5.48
N LYS A 2 1.97 7.01 -4.83
CA LYS A 2 1.87 6.90 -3.34
C LYS A 2 1.12 5.57 -3.06
N TYR A 3 1.76 4.69 -2.26
CA TYR A 3 1.20 3.37 -1.88
C TYR A 3 0.31 3.51 -0.63
N GLU A 4 -0.95 3.07 -0.72
CA GLU A 4 -1.86 2.91 0.45
C GLU A 4 -1.94 1.36 0.56
N TYR A 5 -1.12 0.76 1.45
CA TYR A 5 -1.11 -0.71 1.69
C TYR A 5 -1.74 -0.87 3.07
N THR A 6 -2.84 -1.62 3.08
CA THR A 6 -3.75 -1.73 4.24
C THR A 6 -3.53 -3.15 4.84
N ILE A 7 -3.33 -3.18 6.17
CA ILE A 7 -2.83 -4.40 6.87
C ILE A 7 -3.93 -4.53 8.01
N SER A 9 -6.79 -3.56 10.23
CA SER A 9 -7.63 -2.33 10.36
C SER A 9 -6.83 -1.00 10.18
N TYR A 10 -5.52 -1.07 9.83
CA TYR A 10 -4.61 0.10 9.86
C TYR A 10 -4.22 0.44 8.41
N THR A 11 -4.46 1.71 7.99
CA THR A 11 -4.19 2.18 6.60
C THR A 11 -2.80 2.85 6.66
N PHE A 12 -1.82 2.24 5.96
CA PHE A 12 -0.42 2.75 5.92
C PHE A 12 -0.29 3.40 4.52
N ARG A 13 -0.07 4.74 4.47
CA ARG A 13 -0.16 5.53 3.21
C ARG A 13 1.11 6.42 3.11
N GLY A 14 1.92 6.26 2.04
CA GLY A 14 3.14 7.09 1.81
C GLY A 14 3.82 6.94 0.39
N PRO A 15 5.15 7.22 0.06
CA PRO A 15 5.69 7.05 -1.33
C PRO A 15 6.29 5.63 -1.63
N GLY A 16 6.43 5.28 -2.92
CA GLY A 16 7.06 4.04 -3.39
C GLY A 16 6.02 2.91 -3.49
N CYS A 17 5.82 2.36 -4.70
CA CYS A 17 4.85 1.27 -4.96
C CYS A 17 5.54 -0.17 -4.98
N PRO A 18 5.74 -0.94 -3.85
CA PRO A 18 6.18 -2.38 -3.91
C PRO A 18 4.99 -3.38 -4.18
N THR A 19 5.32 -4.68 -4.33
CA THR A 19 4.35 -5.82 -4.36
C THR A 19 3.85 -6.18 -2.93
N VAL A 20 2.66 -6.86 -2.84
CA VAL A 20 2.05 -7.26 -1.54
C VAL A 20 1.46 -8.72 -1.59
N LYS A 21 1.36 -9.35 -0.40
CA LYS A 21 1.00 -10.76 -0.18
C LYS A 21 -0.54 -11.11 -0.34
N PRO A 22 -1.11 -12.39 -0.17
CA PRO A 22 -2.57 -12.65 -0.14
C PRO A 22 -3.19 -12.14 1.20
N VAL A 24 -3.16 -8.39 2.08
CA VAL A 24 -2.77 -6.95 1.84
C VAL A 24 -2.93 -6.71 0.29
N THR A 25 -3.61 -5.60 -0.08
CA THR A 25 -3.89 -5.22 -1.47
C THR A 25 -3.69 -3.68 -1.46
N ILE A 26 -2.59 -3.32 -2.12
CA ILE A 26 -2.06 -1.93 -2.27
C ILE A 26 -2.94 -1.02 -3.20
N ARG A 27 -2.78 0.31 -3.07
CA ARG A 27 -3.33 1.31 -4.02
C ARG A 27 -2.19 2.33 -4.17
N CYS A 28 -1.65 2.24 -5.36
CA CYS A 28 -0.55 3.09 -5.86
C CYS A 28 -1.26 4.18 -6.70
N GLU A 29 -1.28 5.41 -6.13
CA GLU A 29 -2.13 6.54 -6.62
C GLU A 29 -1.53 7.16 -7.89
N SER A 1 2.94 8.88 -7.57
CA SER A 1 2.80 7.51 -7.06
C SER A 1 2.94 7.53 -5.51
N LYS A 2 1.95 6.94 -4.82
CA LYS A 2 1.94 6.82 -3.32
C LYS A 2 1.22 5.50 -3.00
N TYR A 3 1.88 4.61 -2.22
CA TYR A 3 1.35 3.27 -1.85
C TYR A 3 0.39 3.39 -0.64
N GLU A 4 -0.86 2.94 -0.79
CA GLU A 4 -1.80 2.80 0.36
C GLU A 4 -1.90 1.26 0.50
N TYR A 5 -1.10 0.67 1.43
CA TYR A 5 -1.11 -0.78 1.71
C TYR A 5 -1.73 -0.91 3.10
N THR A 6 -2.83 -1.66 3.13
CA THR A 6 -3.74 -1.74 4.29
C THR A 6 -3.53 -3.14 4.92
N ILE A 7 -3.32 -3.18 6.26
CA ILE A 7 -2.85 -4.41 6.96
C ILE A 7 -3.80 -4.41 8.22
N SER A 9 -6.36 -3.32 11.02
CA SER A 9 -6.95 -1.98 11.33
C SER A 9 -6.28 -0.76 10.63
N TYR A 10 -5.04 -0.86 10.11
CA TYR A 10 -4.25 0.32 9.63
C TYR A 10 -4.36 0.49 8.10
N THR A 11 -4.49 1.76 7.66
CA THR A 11 -4.33 2.17 6.25
C THR A 11 -2.96 2.90 6.32
N PHE A 12 -1.89 2.22 5.85
CA PHE A 12 -0.50 2.78 5.85
C PHE A 12 -0.33 3.43 4.45
N ARG A 13 -0.20 4.78 4.39
CA ARG A 13 -0.27 5.55 3.11
C ARG A 13 0.98 6.48 3.06
N GLY A 14 1.83 6.33 2.01
CA GLY A 14 3.03 7.19 1.82
C GLY A 14 3.76 7.04 0.42
N PRO A 15 5.07 7.42 0.13
CA PRO A 15 5.67 7.26 -1.23
C PRO A 15 6.32 5.85 -1.47
N GLY A 16 6.57 5.50 -2.76
CA GLY A 16 7.26 4.26 -3.16
C GLY A 16 6.24 3.13 -3.34
N CYS A 17 6.16 2.56 -4.56
CA CYS A 17 5.22 1.45 -4.89
C CYS A 17 5.92 0.02 -4.83
N PRO A 18 6.03 -0.74 -3.68
CA PRO A 18 6.48 -2.16 -3.67
C PRO A 18 5.34 -3.19 -4.05
N THR A 19 5.72 -4.48 -4.19
CA THR A 19 4.76 -5.63 -4.31
C THR A 19 4.21 -6.06 -2.92
N VAL A 20 3.03 -6.75 -2.91
CA VAL A 20 2.38 -7.25 -1.66
C VAL A 20 1.86 -8.72 -1.83
N LYS A 21 1.81 -9.47 -0.69
CA LYS A 21 1.32 -10.86 -0.61
C LYS A 21 -0.27 -10.99 -0.60
N PRO A 22 -1.01 -12.17 -0.78
CA PRO A 22 -2.51 -12.17 -0.81
C PRO A 22 -3.11 -11.91 0.60
N VAL A 24 -3.03 -8.43 1.92
CA VAL A 24 -2.58 -7.01 1.78
C VAL A 24 -2.75 -6.67 0.25
N THR A 25 -3.45 -5.55 -0.04
CA THR A 25 -3.77 -5.11 -1.41
C THR A 25 -3.49 -3.59 -1.38
N ILE A 26 -2.39 -3.26 -2.04
CA ILE A 26 -1.80 -1.90 -2.21
C ILE A 26 -2.66 -0.95 -3.13
N ARG A 27 -2.37 0.36 -3.10
CA ARG A 27 -2.89 1.34 -4.08
C ARG A 27 -1.75 2.32 -4.26
N CYS A 28 -1.16 2.21 -5.43
CA CYS A 28 -0.12 3.12 -5.92
C CYS A 28 -0.88 4.20 -6.74
N GLU A 29 -1.14 5.34 -6.07
CA GLU A 29 -2.12 6.37 -6.50
C GLU A 29 -1.68 7.10 -7.79
N SER A 1 4.07 8.73 -7.60
CA SER A 1 3.52 7.42 -7.20
C SER A 1 3.70 7.25 -5.67
N LYS A 2 2.60 6.91 -4.97
CA LYS A 2 2.56 6.70 -3.49
C LYS A 2 1.68 5.45 -3.18
N TYR A 3 2.19 4.52 -2.34
CA TYR A 3 1.46 3.28 -1.95
C TYR A 3 0.52 3.55 -0.76
N GLU A 4 -0.71 3.03 -0.82
CA GLU A 4 -1.66 3.00 0.31
C GLU A 4 -1.90 1.46 0.44
N TYR A 5 -1.19 0.83 1.41
CA TYR A 5 -1.29 -0.64 1.66
C TYR A 5 -1.88 -0.77 3.06
N THR A 6 -3.00 -1.50 3.08
CA THR A 6 -3.89 -1.57 4.26
C THR A 6 -3.70 -2.99 4.87
N ILE A 7 -3.59 -3.02 6.21
CA ILE A 7 -3.14 -4.23 6.94
C ILE A 7 -4.23 -4.31 8.10
N SER A 9 -7.08 -3.26 10.39
CA SER A 9 -7.89 -2.02 10.51
C SER A 9 -7.06 -0.71 10.31
N TYR A 10 -5.80 -0.80 9.81
CA TYR A 10 -4.83 0.32 9.79
C TYR A 10 -4.40 0.57 8.34
N THR A 11 -4.53 1.83 7.85
CA THR A 11 -4.15 2.22 6.47
C THR A 11 -2.73 2.82 6.60
N PHE A 12 -1.76 2.14 5.96
CA PHE A 12 -0.34 2.56 5.97
C PHE A 12 -0.08 3.17 4.58
N ARG A 13 0.19 4.50 4.52
CA ARG A 13 0.24 5.26 3.23
C ARG A 13 1.58 6.04 3.19
N GLY A 14 2.42 5.82 2.16
CA GLY A 14 3.72 6.53 1.97
C GLY A 14 4.35 6.45 0.53
N PRO A 15 5.67 6.75 0.18
CA PRO A 15 6.16 6.68 -1.23
C PRO A 15 6.69 5.26 -1.65
N GLY A 16 6.77 5.01 -2.98
CA GLY A 16 7.30 3.76 -3.56
C GLY A 16 6.18 2.72 -3.69
N CYS A 17 5.88 2.28 -4.93
CA CYS A 17 4.77 1.32 -5.21
C CYS A 17 5.30 -0.16 -5.47
N PRO A 18 5.58 -1.06 -4.46
CA PRO A 18 5.83 -2.52 -4.70
C PRO A 18 4.51 -3.36 -4.76
N THR A 19 4.63 -4.67 -5.13
CA THR A 19 3.53 -5.68 -4.96
C THR A 19 3.77 -6.40 -3.59
N VAL A 20 2.65 -6.82 -2.95
CA VAL A 20 2.65 -7.26 -1.49
C VAL A 20 1.77 -8.54 -1.28
N LYS A 21 2.07 -9.28 -0.18
CA LYS A 21 1.31 -10.42 0.43
C LYS A 21 -0.14 -10.80 -0.10
N PRO A 22 -0.69 -12.08 -0.19
CA PRO A 22 -2.12 -12.32 -0.46
C PRO A 22 -2.96 -12.02 0.83
N VAL A 24 -3.10 -8.36 2.01
CA VAL A 24 -2.71 -6.91 1.89
C VAL A 24 -2.78 -6.60 0.35
N THR A 25 -3.66 -5.67 -0.04
CA THR A 25 -3.91 -5.30 -1.44
C THR A 25 -3.68 -3.76 -1.47
N ILE A 26 -2.53 -3.44 -2.06
CA ILE A 26 -1.97 -2.07 -2.25
C ILE A 26 -2.82 -1.20 -3.25
N ARG A 27 -2.60 0.14 -3.19
CA ARG A 27 -3.11 1.11 -4.17
C ARG A 27 -1.93 2.08 -4.32
N CYS A 28 -1.54 2.19 -5.57
CA CYS A 28 -0.58 3.22 -6.03
C CYS A 28 -1.39 4.39 -6.61
N GLU A 29 -1.28 5.57 -5.96
CA GLU A 29 -2.15 6.75 -6.23
C GLU A 29 -1.51 7.59 -7.34
N SER A 1 3.08 8.86 -7.68
CA SER A 1 2.94 7.49 -7.15
C SER A 1 3.03 7.53 -5.61
N LYS A 2 2.02 6.95 -4.93
CA LYS A 2 1.98 6.84 -3.43
C LYS A 2 1.24 5.52 -3.12
N TYR A 3 1.88 4.64 -2.32
CA TYR A 3 1.33 3.31 -1.95
C TYR A 3 0.42 3.45 -0.71
N GLU A 4 -0.82 2.94 -0.82
CA GLU A 4 -1.74 2.80 0.33
C GLU A 4 -1.81 1.25 0.47
N TYR A 5 -0.99 0.69 1.41
CA TYR A 5 -0.94 -0.77 1.68
C TYR A 5 -1.56 -0.93 3.07
N THR A 6 -2.61 -1.74 3.09
CA THR A 6 -3.50 -1.86 4.26
C THR A 6 -3.22 -3.25 4.89
N ILE A 7 -3.02 -3.26 6.21
CA ILE A 7 -2.47 -4.44 6.95
C ILE A 7 -3.57 -4.60 8.07
N SER A 9 -6.50 -3.73 10.25
CA SER A 9 -7.40 -2.55 10.35
C SER A 9 -6.67 -1.18 10.15
N TYR A 10 -5.36 -1.19 9.79
CA TYR A 10 -4.50 0.02 9.81
C TYR A 10 -4.09 0.34 8.36
N THR A 11 -4.37 1.58 7.88
CA THR A 11 -4.07 2.01 6.50
C THR A 11 -2.71 2.75 6.58
N PHE A 12 -1.72 2.19 5.88
CA PHE A 12 -0.35 2.77 5.82
C PHE A 12 -0.22 3.40 4.41
N ARG A 13 -0.12 4.75 4.34
CA ARG A 13 -0.20 5.51 3.06
C ARG A 13 1.06 6.42 2.98
N GLY A 14 1.91 6.26 1.94
CA GLY A 14 3.13 7.09 1.73
C GLY A 14 3.82 6.99 0.32
N PRO A 15 5.13 7.33 0.00
CA PRO A 15 5.70 7.22 -1.37
C PRO A 15 6.33 5.82 -1.70
N GLY A 16 6.49 5.52 -3.00
CA GLY A 16 7.14 4.28 -3.50
C GLY A 16 6.11 3.16 -3.64
N CYS A 17 5.94 2.64 -4.88
CA CYS A 17 4.95 1.57 -5.19
C CYS A 17 5.59 0.12 -5.23
N PRO A 18 5.77 -0.70 -4.11
CA PRO A 18 6.10 -2.14 -4.19
C PRO A 18 4.83 -3.03 -4.48
N THR A 19 5.02 -4.37 -4.63
CA THR A 19 3.89 -5.37 -4.64
C THR A 19 3.83 -6.12 -3.27
N VAL A 20 2.65 -6.70 -2.96
CA VAL A 20 2.27 -7.21 -1.58
C VAL A 20 1.80 -8.71 -1.63
N LYS A 21 1.84 -9.37 -0.43
CA LYS A 21 1.40 -10.76 -0.22
C LYS A 21 -0.17 -10.95 -0.11
N PRO A 22 -0.87 -12.16 -0.21
CA PRO A 22 -2.35 -12.28 -0.06
C PRO A 22 -2.85 -11.89 1.35
N VAL A 24 -2.89 -8.34 2.42
CA VAL A 24 -2.50 -6.91 2.13
C VAL A 24 -2.72 -6.73 0.57
N THR A 25 -3.33 -5.58 0.18
CA THR A 25 -3.64 -5.26 -1.22
C THR A 25 -3.38 -3.72 -1.28
N ILE A 26 -2.29 -3.41 -1.99
CA ILE A 26 -1.75 -2.04 -2.22
C ILE A 26 -2.63 -1.19 -3.21
N ARG A 27 -2.50 0.15 -3.15
CA ARG A 27 -3.07 1.08 -4.15
C ARG A 27 -1.98 2.15 -4.27
N CYS A 28 -1.47 2.14 -5.48
CA CYS A 28 -0.46 3.09 -5.97
C CYS A 28 -1.24 4.19 -6.72
N GLU A 29 -1.23 5.41 -6.15
CA GLU A 29 -2.12 6.55 -6.56
C GLU A 29 -1.58 7.22 -7.83
N SER A 1 3.90 9.03 -7.43
CA SER A 1 3.41 7.68 -7.05
C SER A 1 3.46 7.54 -5.51
N LYS A 2 2.33 7.11 -4.91
CA LYS A 2 2.19 6.90 -3.44
C LYS A 2 1.37 5.60 -3.20
N TYR A 3 1.90 4.68 -2.36
CA TYR A 3 1.22 3.42 -1.99
C TYR A 3 0.32 3.63 -0.75
N GLU A 4 -0.91 3.09 -0.80
CA GLU A 4 -1.82 3.01 0.37
C GLU A 4 -1.99 1.47 0.51
N TYR A 5 -1.21 0.85 1.42
CA TYR A 5 -1.24 -0.62 1.68
C TYR A 5 -1.81 -0.77 3.09
N THR A 6 -2.92 -1.51 3.15
CA THR A 6 -3.78 -1.61 4.35
C THR A 6 -3.54 -3.02 4.95
N ILE A 7 -3.39 -3.05 6.29
CA ILE A 7 -2.90 -4.26 7.01
C ILE A 7 -3.94 -4.37 8.20
N SER A 9 -6.72 -3.36 10.56
CA SER A 9 -7.55 -2.15 10.70
C SER A 9 -6.76 -0.82 10.45
N TYR A 10 -5.49 -0.88 9.96
CA TYR A 10 -4.58 0.28 9.92
C TYR A 10 -4.22 0.55 8.44
N THR A 11 -4.43 1.79 7.97
CA THR A 11 -4.13 2.21 6.57
C THR A 11 -2.73 2.88 6.65
N PHE A 12 -1.77 2.26 5.95
CA PHE A 12 -0.36 2.76 5.91
C PHE A 12 -0.20 3.39 4.51
N ARG A 13 -0.03 4.74 4.45
CA ARG A 13 -0.08 5.52 3.17
C ARG A 13 1.23 6.37 3.10
N GLY A 14 2.05 6.18 2.04
CA GLY A 14 3.29 6.97 1.82
C GLY A 14 3.99 6.79 0.42
N PRO A 15 5.34 7.03 0.13
CA PRO A 15 5.91 6.84 -1.25
C PRO A 15 6.49 5.41 -1.52
N GLY A 16 6.65 5.06 -2.82
CA GLY A 16 7.30 3.81 -3.26
C GLY A 16 6.27 2.67 -3.31
N CYS A 17 6.00 2.12 -4.52
CA CYS A 17 4.96 1.08 -4.74
C CYS A 17 5.61 -0.37 -4.85
N PRO A 18 5.87 -1.20 -3.76
CA PRO A 18 6.29 -2.62 -3.89
C PRO A 18 5.10 -3.62 -4.11
N THR A 19 5.43 -4.91 -4.36
CA THR A 19 4.45 -6.05 -4.36
C THR A 19 4.01 -6.44 -2.91
N VAL A 20 2.81 -7.08 -2.79
CA VAL A 20 2.14 -7.31 -1.48
C VAL A 20 1.56 -8.76 -1.33
N LYS A 21 1.43 -9.17 -0.06
CA LYS A 21 1.08 -10.54 0.38
C LYS A 21 -0.40 -11.03 0.09
N PRO A 22 -0.82 -12.35 0.16
CA PRO A 22 -2.25 -12.77 0.12
C PRO A 22 -2.98 -12.31 1.42
N VAL A 24 -2.92 -8.42 2.21
CA VAL A 24 -2.56 -6.97 2.00
C VAL A 24 -2.76 -6.68 0.47
N THR A 25 -3.52 -5.60 0.15
CA THR A 25 -3.82 -5.17 -1.24
C THR A 25 -3.73 -3.65 -1.30
N ILE A 26 -2.65 -3.31 -1.99
CA ILE A 26 -2.11 -1.94 -2.19
C ILE A 26 -2.99 -1.05 -3.14
N ARG A 27 -2.76 0.27 -3.09
CA ARG A 27 -3.29 1.25 -4.07
C ARG A 27 -2.11 2.22 -4.25
N CYS A 28 -1.56 2.11 -5.45
CA CYS A 28 -0.52 3.03 -5.96
C CYS A 28 -1.26 4.09 -6.79
N GLU A 29 -1.24 5.34 -6.28
CA GLU A 29 -2.09 6.47 -6.79
C GLU A 29 -1.44 7.09 -8.03
N SER A 1 3.44 8.91 -7.33
CA SER A 1 3.15 7.52 -6.94
C SER A 1 3.31 7.38 -5.42
N LYS A 2 2.26 6.87 -4.75
CA LYS A 2 2.22 6.66 -3.26
C LYS A 2 1.44 5.35 -2.98
N TYR A 3 2.06 4.40 -2.23
CA TYR A 3 1.46 3.09 -1.87
C TYR A 3 0.54 3.27 -0.63
N GLU A 4 -0.75 2.94 -0.76
CA GLU A 4 -1.67 2.84 0.40
C GLU A 4 -1.86 1.30 0.55
N TYR A 5 -1.06 0.68 1.45
CA TYR A 5 -1.11 -0.77 1.72
C TYR A 5 -1.76 -0.88 3.10
N THR A 6 -2.92 -1.56 3.11
CA THR A 6 -3.83 -1.59 4.26
C THR A 6 -3.71 -3.01 4.87
N ILE A 7 -3.54 -3.07 6.20
CA ILE A 7 -3.14 -4.31 6.91
C ILE A 7 -4.23 -4.36 8.05
N SER A 9 -7.02 -3.20 10.26
CA SER A 9 -7.79 -1.92 10.37
C SER A 9 -6.91 -0.65 10.15
N TYR A 10 -5.60 -0.79 9.82
CA TYR A 10 -4.63 0.32 9.83
C TYR A 10 -4.25 0.62 8.36
N THR A 11 -4.40 1.89 7.92
CA THR A 11 -4.11 2.33 6.53
C THR A 11 -2.69 2.94 6.60
N PHE A 12 -1.74 2.26 5.93
CA PHE A 12 -0.31 2.71 5.90
C PHE A 12 -0.12 3.32 4.49
N ARG A 13 0.14 4.65 4.43
CA ARG A 13 0.11 5.43 3.16
C ARG A 13 1.44 6.25 3.09
N GLY A 14 2.26 6.03 2.05
CA GLY A 14 3.54 6.76 1.84
C GLY A 14 4.21 6.60 0.43
N PRO A 15 5.53 6.91 0.08
CA PRO A 15 6.07 6.75 -1.30
C PRO A 15 6.63 5.31 -1.60
N GLY A 16 6.78 4.98 -2.90
CA GLY A 16 7.40 3.71 -3.37
C GLY A 16 6.33 2.62 -3.49
N CYS A 17 6.09 2.13 -4.73
CA CYS A 17 5.03 1.13 -5.00
C CYS A 17 5.63 -0.33 -5.22
N PRO A 18 5.93 -1.20 -4.18
CA PRO A 18 6.32 -2.62 -4.39
C PRO A 18 5.09 -3.61 -4.53
N THR A 19 5.39 -4.89 -4.86
CA THR A 19 4.42 -6.03 -4.77
C THR A 19 4.26 -6.49 -3.29
N VAL A 20 3.04 -6.96 -2.91
CA VAL A 20 2.73 -7.28 -1.49
C VAL A 20 1.87 -8.59 -1.36
N LYS A 21 2.01 -9.27 -0.20
CA LYS A 21 1.20 -10.42 0.32
C LYS A 21 -0.23 -10.72 -0.30
N PRO A 22 -0.82 -11.97 -0.46
CA PRO A 22 -2.25 -12.14 -0.82
C PRO A 22 -3.15 -11.87 0.42
N VAL A 24 -3.28 -8.24 1.72
CA VAL A 24 -2.89 -6.79 1.73
C VAL A 24 -3.00 -6.34 0.23
N THR A 25 -3.93 -5.40 -0.06
CA THR A 25 -4.24 -4.95 -1.43
C THR A 25 -3.91 -3.43 -1.41
N ILE A 26 -2.76 -3.17 -2.04
CA ILE A 26 -2.10 -1.85 -2.21
C ILE A 26 -2.90 -0.85 -3.11
N ARG A 27 -2.53 0.45 -3.07
CA ARG A 27 -3.03 1.47 -4.01
C ARG A 27 -1.82 2.35 -4.26
N CYS A 28 -1.36 2.27 -5.50
CA CYS A 28 -0.36 3.22 -6.03
C CYS A 28 -1.19 4.31 -6.75
N GLU A 29 -1.40 5.42 -6.01
CA GLU A 29 -2.39 6.48 -6.35
C GLU A 29 -1.92 7.36 -7.52
N SER A 1 3.55 8.78 -7.58
CA SER A 1 3.28 7.41 -7.10
C SER A 1 3.39 7.37 -5.57
N LYS A 2 2.32 6.88 -4.90
CA LYS A 2 2.23 6.77 -3.41
C LYS A 2 1.50 5.45 -3.06
N TYR A 3 2.14 4.57 -2.25
CA TYR A 3 1.57 3.25 -1.86
C TYR A 3 0.62 3.43 -0.66
N GLU A 4 -0.65 3.03 -0.80
CA GLU A 4 -1.59 2.94 0.35
C GLU A 4 -1.75 1.40 0.51
N TYR A 5 -0.96 0.80 1.43
CA TYR A 5 -0.90 -0.67 1.65
C TYR A 5 -1.52 -0.86 3.03
N THR A 6 -2.74 -1.42 2.98
CA THR A 6 -3.66 -1.47 4.14
C THR A 6 -3.47 -2.84 4.82
N ILE A 7 -3.23 -2.82 6.14
CA ILE A 7 -2.76 -4.02 6.90
C ILE A 7 -3.92 -4.25 7.94
N SER A 9 -6.88 -3.39 10.14
CA SER A 9 -7.52 -2.08 10.42
C SER A 9 -6.70 -0.84 9.98
N TYR A 10 -5.38 -0.97 9.73
CA TYR A 10 -4.44 0.16 9.51
C TYR A 10 -4.39 0.54 8.01
N THR A 11 -4.35 1.87 7.71
CA THR A 11 -4.05 2.37 6.35
C THR A 11 -2.66 3.02 6.51
N PHE A 12 -1.66 2.38 5.89
CA PHE A 12 -0.27 2.93 5.81
C PHE A 12 -0.16 3.57 4.41
N ARG A 13 0.03 4.91 4.34
CA ARG A 13 0.01 5.68 3.06
C ARG A 13 1.31 6.52 3.01
N GLY A 14 2.15 6.34 1.97
CA GLY A 14 3.39 7.14 1.76
C GLY A 14 4.10 6.96 0.37
N PRO A 15 5.42 7.27 0.06
CA PRO A 15 6.01 7.04 -1.29
C PRO A 15 6.59 5.59 -1.51
N GLY A 16 6.80 5.20 -2.78
CA GLY A 16 7.45 3.93 -3.16
C GLY A 16 6.41 2.82 -3.30
N CYS A 17 6.22 2.30 -4.53
CA CYS A 17 5.20 1.26 -4.83
C CYS A 17 5.86 -0.19 -4.94
N PRO A 18 6.08 -1.02 -3.84
CA PRO A 18 6.53 -2.43 -3.97
C PRO A 18 5.35 -3.44 -4.26
N THR A 19 5.70 -4.72 -4.52
CA THR A 19 4.76 -5.87 -4.59
C THR A 19 4.32 -6.35 -3.17
N VAL A 20 3.12 -6.99 -3.08
CA VAL A 20 2.52 -7.39 -1.77
C VAL A 20 1.87 -8.83 -1.84
N LYS A 21 1.79 -9.48 -0.65
CA LYS A 21 1.21 -10.83 -0.45
C LYS A 21 -0.37 -10.87 -0.45
N PRO A 22 -1.18 -12.02 -0.50
CA PRO A 22 -2.67 -11.96 -0.41
C PRO A 22 -3.14 -11.60 1.04
N VAL A 24 -2.82 -8.08 2.26
CA VAL A 24 -2.31 -6.70 1.96
C VAL A 24 -2.49 -6.53 0.41
N THR A 25 -3.23 -5.48 0.00
CA THR A 25 -3.54 -5.18 -1.40
C THR A 25 -3.33 -3.64 -1.47
N ILE A 26 -2.24 -3.30 -2.16
CA ILE A 26 -1.68 -1.92 -2.31
C ILE A 26 -2.57 -0.96 -3.17
N ARG A 27 -2.28 0.35 -3.11
CA ARG A 27 -2.83 1.36 -4.03
C ARG A 27 -1.64 2.27 -4.29
N CYS A 28 -1.18 2.18 -5.53
CA CYS A 28 -0.19 3.14 -6.08
C CYS A 28 -1.04 4.18 -6.85
N GLU A 29 -1.29 5.31 -6.16
CA GLU A 29 -2.31 6.32 -6.54
C GLU A 29 -1.85 7.17 -7.74
N SER A 1 2.88 8.95 -7.63
CA SER A 1 2.71 7.57 -7.14
C SER A 1 2.84 7.54 -5.60
N LYS A 2 1.83 6.96 -4.92
CA LYS A 2 1.80 6.81 -3.44
C LYS A 2 1.08 5.47 -3.14
N TYR A 3 1.72 4.61 -2.32
CA TYR A 3 1.17 3.30 -1.92
C TYR A 3 0.28 3.45 -0.67
N GLU A 4 -0.97 2.97 -0.75
CA GLU A 4 -1.86 2.80 0.43
C GLU A 4 -1.92 1.26 0.54
N TYR A 5 -1.10 0.68 1.44
CA TYR A 5 -1.05 -0.79 1.69
C TYR A 5 -1.63 -0.95 3.10
N THR A 6 -2.73 -1.71 3.14
CA THR A 6 -3.60 -1.82 4.32
C THR A 6 -3.33 -3.23 4.94
N ILE A 7 -3.19 -3.26 6.28
CA ILE A 7 -2.66 -4.46 6.98
C ILE A 7 -3.72 -4.59 8.16
N SER A 9 -6.52 -3.64 10.45
CA SER A 9 -7.38 -2.43 10.57
C SER A 9 -6.62 -1.09 10.32
N TYR A 10 -5.31 -1.14 9.96
CA TYR A 10 -4.43 0.06 9.93
C TYR A 10 -4.10 0.37 8.45
N THR A 11 -4.37 1.62 8.01
CA THR A 11 -4.14 2.07 6.62
C THR A 11 -2.76 2.78 6.64
N PHE A 12 -1.78 2.18 5.97
CA PHE A 12 -0.39 2.73 5.89
C PHE A 12 -0.28 3.36 4.49
N ARG A 13 -0.10 4.70 4.43
CA ARG A 13 -0.22 5.47 3.15
C ARG A 13 1.03 6.40 3.05
N GLY A 14 1.85 6.24 1.98
CA GLY A 14 3.05 7.08 1.74
C GLY A 14 3.72 6.94 0.32
N PRO A 15 5.04 7.26 -0.02
CA PRO A 15 5.58 7.11 -1.40
C PRO A 15 6.18 5.69 -1.70
N GLY A 16 6.34 5.35 -3.00
CA GLY A 16 6.98 4.11 -3.47
C GLY A 16 5.94 2.98 -3.57
N CYS A 17 5.73 2.44 -4.79
CA CYS A 17 4.72 1.36 -5.03
C CYS A 17 5.42 -0.06 -5.15
N PRO A 18 5.71 -0.86 -4.04
CA PRO A 18 6.19 -2.27 -4.17
C PRO A 18 5.03 -3.31 -4.39
N THR A 19 5.40 -4.61 -4.57
CA THR A 19 4.47 -5.78 -4.55
C THR A 19 4.03 -6.16 -3.11
N VAL A 20 2.88 -6.87 -2.98
CA VAL A 20 2.33 -7.31 -1.67
C VAL A 20 1.85 -8.80 -1.70
N LYS A 21 1.90 -9.46 -0.51
CA LYS A 21 1.48 -10.87 -0.31
C LYS A 21 -0.10 -11.07 -0.19
N PRO A 22 -0.79 -12.28 -0.24
CA PRO A 22 -2.29 -12.36 -0.18
C PRO A 22 -2.81 -12.02 1.25
N VAL A 24 -2.79 -8.45 2.34
CA VAL A 24 -2.39 -7.03 2.05
C VAL A 24 -2.62 -6.83 0.51
N THR A 25 -3.35 -5.76 0.14
CA THR A 25 -3.69 -5.43 -1.25
C THR A 25 -3.51 -3.89 -1.30
N ILE A 26 -2.44 -3.52 -2.00
CA ILE A 26 -1.96 -2.13 -2.20
C ILE A 26 -2.89 -1.27 -3.12
N ARG A 27 -2.70 0.07 -3.07
CA ARG A 27 -3.30 1.03 -4.04
C ARG A 27 -2.16 2.03 -4.24
N CYS A 28 -1.71 2.01 -5.47
CA CYS A 28 -0.75 3.00 -6.00
C CYS A 28 -1.58 4.11 -6.69
N GLU A 29 -1.47 5.34 -6.16
CA GLU A 29 -2.37 6.49 -6.51
C GLU A 29 -1.86 7.16 -7.80
N SER A 1 3.82 8.69 -7.46
CA SER A 1 3.37 7.36 -7.02
C SER A 1 3.48 7.27 -5.48
N LYS A 2 2.38 6.85 -4.83
CA LYS A 2 2.28 6.68 -3.35
C LYS A 2 1.46 5.41 -3.04
N TYR A 3 2.04 4.46 -2.27
CA TYR A 3 1.40 3.17 -1.91
C TYR A 3 0.50 3.37 -0.67
N GLU A 4 -0.78 3.02 -0.78
CA GLU A 4 -1.72 2.94 0.36
C GLU A 4 -1.92 1.41 0.50
N TYR A 5 -1.15 0.76 1.41
CA TYR A 5 -1.23 -0.70 1.67
C TYR A 5 -1.88 -0.80 3.05
N THR A 6 -3.03 -1.49 3.07
CA THR A 6 -3.94 -1.52 4.23
C THR A 6 -3.81 -2.92 4.88
N ILE A 7 -3.64 -2.97 6.21
CA ILE A 7 -3.23 -4.21 6.93
C ILE A 7 -4.20 -4.16 8.18
N SER A 9 -6.71 -2.94 10.98
CA SER A 9 -7.24 -1.58 11.28
C SER A 9 -6.49 -0.39 10.62
N TYR A 10 -5.25 -0.56 10.09
CA TYR A 10 -4.39 0.56 9.65
C TYR A 10 -4.45 0.74 8.10
N THR A 11 -4.49 2.03 7.67
CA THR A 11 -4.27 2.42 6.27
C THR A 11 -2.85 3.06 6.35
N PHE A 12 -1.84 2.31 5.85
CA PHE A 12 -0.43 2.78 5.86
C PHE A 12 -0.20 3.41 4.46
N ARG A 13 -0.01 4.75 4.40
CA ARG A 13 0.00 5.51 3.11
C ARG A 13 1.35 6.31 3.07
N GLY A 14 2.19 6.06 2.04
CA GLY A 14 3.49 6.77 1.86
C GLY A 14 4.17 6.62 0.44
N PRO A 15 5.49 6.92 0.11
CA PRO A 15 6.03 6.77 -1.28
C PRO A 15 6.57 5.35 -1.61
N GLY A 16 6.71 5.04 -2.92
CA GLY A 16 7.31 3.77 -3.41
C GLY A 16 6.24 2.69 -3.54
N CYS A 17 6.01 2.19 -4.77
CA CYS A 17 5.02 1.12 -5.06
C CYS A 17 5.71 -0.31 -5.18
N PRO A 18 5.98 -1.13 -4.10
CA PRO A 18 6.41 -2.55 -4.25
C PRO A 18 5.21 -3.56 -4.45
N THR A 19 5.54 -4.83 -4.75
CA THR A 19 4.58 -5.98 -4.71
C THR A 19 4.39 -6.47 -3.26
N VAL A 20 3.16 -6.94 -2.92
CA VAL A 20 2.77 -7.24 -1.50
C VAL A 20 1.94 -8.57 -1.39
N LYS A 21 2.03 -9.22 -0.20
CA LYS A 21 1.26 -10.41 0.27
C LYS A 21 -0.14 -10.73 -0.39
N PRO A 22 -0.70 -11.99 -0.59
CA PRO A 22 -2.12 -12.20 -0.99
C PRO A 22 -3.05 -11.95 0.24
N VAL A 24 -3.28 -8.34 1.53
CA VAL A 24 -2.90 -6.89 1.56
C VAL A 24 -3.00 -6.43 0.06
N THR A 25 -3.95 -5.52 -0.24
CA THR A 25 -4.26 -5.05 -1.60
C THR A 25 -3.96 -3.52 -1.55
N ILE A 26 -2.81 -3.22 -2.17
CA ILE A 26 -2.19 -1.89 -2.30
C ILE A 26 -2.99 -0.92 -3.25
N ARG A 27 -2.75 0.40 -3.12
CA ARG A 27 -3.23 1.43 -4.08
C ARG A 27 -2.04 2.40 -4.21
N CYS A 28 -1.48 2.27 -5.38
CA CYS A 28 -0.36 3.09 -5.88
C CYS A 28 -1.00 4.24 -6.69
N GLU A 29 -1.16 5.40 -6.03
CA GLU A 29 -1.98 6.55 -6.53
C GLU A 29 -1.15 7.39 -7.51
N SER A 1 4.26 8.39 -7.62
CA SER A 1 3.66 7.12 -7.15
C SER A 1 3.73 7.07 -5.61
N LYS A 2 2.58 6.78 -4.97
CA LYS A 2 2.44 6.67 -3.48
C LYS A 2 1.51 5.47 -3.14
N TYR A 3 1.97 4.55 -2.27
CA TYR A 3 1.19 3.34 -1.86
C TYR A 3 0.23 3.67 -0.69
N GLU A 4 -0.98 3.08 -0.73
CA GLU A 4 -1.92 3.07 0.43
C GLU A 4 -2.14 1.54 0.62
N TYR A 5 -1.38 0.92 1.55
CA TYR A 5 -1.41 -0.55 1.80
C TYR A 5 -1.93 -0.71 3.22
N THR A 6 -3.03 -1.47 3.29
CA THR A 6 -3.87 -1.58 4.50
C THR A 6 -3.64 -3.01 5.07
N ILE A 7 -3.46 -3.08 6.40
CA ILE A 7 -2.97 -4.30 7.08
C ILE A 7 -4.02 -4.44 8.26
N SER A 9 -6.83 -3.46 10.59
CA SER A 9 -7.67 -2.24 10.74
C SER A 9 -6.88 -0.91 10.49
N TYR A 10 -5.60 -0.97 10.04
CA TYR A 10 -4.69 0.19 10.00
C TYR A 10 -4.31 0.46 8.53
N THR A 11 -4.47 1.72 8.05
CA THR A 11 -4.12 2.12 6.67
C THR A 11 -2.72 2.76 6.79
N PHE A 12 -1.75 2.10 6.14
CA PHE A 12 -0.33 2.56 6.11
C PHE A 12 -0.13 3.17 4.70
N ARG A 13 0.11 4.51 4.61
CA ARG A 13 0.11 5.24 3.31
C ARG A 13 1.45 6.03 3.23
N GLY A 14 2.30 5.74 2.20
CA GLY A 14 3.64 6.36 2.06
C GLY A 14 4.34 6.25 0.65
N PRO A 15 5.51 6.90 0.27
CA PRO A 15 6.05 6.83 -1.13
C PRO A 15 6.86 5.53 -1.45
N GLY A 16 7.01 5.24 -2.76
CA GLY A 16 7.75 4.06 -3.28
C GLY A 16 6.89 2.79 -3.22
N CYS A 17 6.22 2.43 -4.33
CA CYS A 17 5.15 1.39 -4.35
C CYS A 17 5.60 -0.01 -4.93
N PRO A 18 6.12 -1.04 -4.16
CA PRO A 18 6.35 -2.42 -4.68
C PRO A 18 5.07 -3.34 -4.66
N THR A 19 5.23 -4.62 -5.12
CA THR A 19 4.23 -5.72 -4.94
C THR A 19 4.12 -6.16 -3.45
N VAL A 20 2.92 -6.61 -3.01
CA VAL A 20 2.71 -7.04 -1.58
C VAL A 20 1.77 -8.30 -1.48
N LYS A 21 1.99 -9.10 -0.41
CA LYS A 21 1.17 -10.25 0.10
C LYS A 21 -0.29 -10.48 -0.46
N PRO A 22 -0.92 -11.71 -0.64
CA PRO A 22 -2.37 -11.84 -0.94
C PRO A 22 -3.18 -11.64 0.39
N VAL A 24 -3.17 -8.09 1.88
CA VAL A 24 -2.75 -6.65 1.94
C VAL A 24 -2.93 -6.17 0.45
N THR A 25 -3.97 -5.35 0.20
CA THR A 25 -4.38 -4.92 -1.15
C THR A 25 -4.08 -3.40 -1.19
N ILE A 26 -2.96 -3.15 -1.84
CA ILE A 26 -2.32 -1.83 -2.08
C ILE A 26 -3.10 -0.92 -3.08
N ARG A 27 -2.87 0.40 -2.99
CA ARG A 27 -3.30 1.39 -4.02
C ARG A 27 -2.06 2.30 -4.17
N CYS A 28 -1.44 2.05 -5.32
CA CYS A 28 -0.35 2.89 -5.85
C CYS A 28 -1.01 3.89 -6.83
N GLU A 29 -1.05 5.16 -6.41
CA GLU A 29 -1.86 6.23 -7.05
C GLU A 29 -1.10 6.80 -8.28
N SER A 1 3.90 9.03 -7.65
CA SER A 1 3.40 7.69 -7.27
C SER A 1 3.48 7.53 -5.73
N LYS A 2 2.36 7.12 -5.11
CA LYS A 2 2.24 6.91 -3.64
C LYS A 2 1.41 5.61 -3.38
N TYR A 3 1.93 4.71 -2.53
CA TYR A 3 1.24 3.45 -2.15
C TYR A 3 0.32 3.68 -0.93
N GLU A 4 -0.88 3.06 -0.94
CA GLU A 4 -1.77 2.96 0.23
C GLU A 4 -1.94 1.43 0.36
N TYR A 5 -1.17 0.80 1.29
CA TYR A 5 -1.24 -0.66 1.55
C TYR A 5 -1.88 -0.79 2.94
N THR A 6 -2.99 -1.52 2.96
CA THR A 6 -3.90 -1.59 4.13
C THR A 6 -3.70 -2.99 4.76
N ILE A 7 -3.54 -3.02 6.09
CA ILE A 7 -3.08 -4.23 6.82
C ILE A 7 -4.18 -4.31 7.96
N SER A 9 -7.04 -3.21 10.15
CA SER A 9 -7.84 -1.95 10.23
C SER A 9 -7.00 -0.65 10.02
N TYR A 10 -5.70 -0.76 9.67
CA TYR A 10 -4.74 0.38 9.68
C TYR A 10 -4.32 0.67 8.22
N THR A 11 -4.50 1.92 7.76
CA THR A 11 -4.26 2.34 6.36
C THR A 11 -2.84 2.97 6.39
N PHE A 12 -1.86 2.25 5.79
CA PHE A 12 -0.44 2.68 5.80
C PHE A 12 -0.17 3.29 4.40
N ARG A 13 0.06 4.62 4.35
CA ARG A 13 0.08 5.39 3.07
C ARG A 13 1.36 6.27 3.02
N GLY A 14 2.17 6.13 1.94
CA GLY A 14 3.37 6.98 1.71
C GLY A 14 4.05 6.79 0.29
N PRO A 15 5.38 7.03 -0.03
CA PRO A 15 5.94 6.83 -1.40
C PRO A 15 6.52 5.39 -1.66
N GLY A 16 6.68 5.03 -2.95
CA GLY A 16 7.32 3.77 -3.38
C GLY A 16 6.28 2.64 -3.44
N CYS A 17 6.02 2.09 -4.64
CA CYS A 17 4.98 1.06 -4.87
C CYS A 17 5.61 -0.39 -4.98
N PRO A 18 5.89 -1.21 -3.89
CA PRO A 18 6.32 -2.64 -4.01
C PRO A 18 5.14 -3.65 -4.20
N THR A 19 5.48 -4.95 -4.43
CA THR A 19 4.52 -6.09 -4.39
C THR A 19 4.10 -6.45 -2.94
N VAL A 20 2.90 -7.10 -2.78
CA VAL A 20 2.25 -7.31 -1.46
C VAL A 20 1.68 -8.76 -1.28
N LYS A 21 1.57 -9.17 0.02
CA LYS A 21 1.06 -10.49 0.49
C LYS A 21 -0.39 -10.90 0.03
N PRO A 22 -0.88 -12.20 -0.13
CA PRO A 22 -2.31 -12.53 -0.34
C PRO A 22 -3.14 -12.17 0.94
N VAL A 24 -3.16 -8.42 1.99
CA VAL A 24 -2.74 -6.98 1.81
C VAL A 24 -2.84 -6.72 0.26
N THR A 25 -3.58 -5.67 -0.13
CA THR A 25 -3.84 -5.31 -1.53
C THR A 25 -3.66 -3.77 -1.55
N ILE A 26 -2.54 -3.40 -2.17
CA ILE A 26 -2.03 -2.02 -2.35
C ILE A 26 -2.90 -1.15 -3.33
N ARG A 27 -2.71 0.19 -3.26
CA ARG A 27 -3.23 1.15 -4.25
C ARG A 27 -2.05 2.12 -4.40
N CYS A 28 -1.52 2.04 -5.60
CA CYS A 28 -0.48 2.98 -6.10
C CYS A 28 -1.25 4.04 -6.93
N GLU A 29 -1.27 5.28 -6.39
CA GLU A 29 -2.15 6.39 -6.89
C GLU A 29 -1.47 7.09 -8.07
N SER A 1 3.37 9.11 -7.58
CA SER A 1 2.95 7.77 -7.16
C SER A 1 3.15 7.61 -5.64
N LYS A 2 2.08 7.19 -4.94
CA LYS A 2 2.07 6.99 -3.45
C LYS A 2 1.24 5.73 -3.12
N TYR A 3 1.84 4.76 -2.38
CA TYR A 3 1.18 3.49 -1.98
C TYR A 3 0.25 3.70 -0.76
N GLU A 4 -0.91 3.02 -0.75
CA GLU A 4 -1.81 2.91 0.42
C GLU A 4 -1.92 1.37 0.55
N TYR A 5 -1.13 0.77 1.47
CA TYR A 5 -1.11 -0.70 1.72
C TYR A 5 -1.67 -0.87 3.13
N THR A 6 -2.75 -1.66 3.18
CA THR A 6 -3.59 -1.79 4.38
C THR A 6 -3.29 -3.19 4.98
N ILE A 7 -3.11 -3.23 6.32
CA ILE A 7 -2.57 -4.41 7.03
C ILE A 7 -3.63 -4.57 8.18
N SER A 9 -6.48 -3.66 10.45
CA SER A 9 -7.36 -2.45 10.58
C SER A 9 -6.59 -1.11 10.37
N TYR A 10 -5.29 -1.14 9.99
CA TYR A 10 -4.41 0.05 9.99
C TYR A 10 -4.02 0.36 8.53
N THR A 11 -4.25 1.61 8.07
CA THR A 11 -3.99 2.04 6.68
C THR A 11 -2.58 2.71 6.73
N PHE A 12 -1.60 2.05 6.09
CA PHE A 12 -0.19 2.53 6.05
C PHE A 12 0.00 3.14 4.63
N ARG A 13 0.31 4.46 4.54
CA ARG A 13 0.26 5.19 3.24
C ARG A 13 1.48 6.15 3.14
N GLY A 14 2.27 6.05 2.05
CA GLY A 14 3.44 6.93 1.79
C GLY A 14 4.05 6.86 0.34
N PRO A 15 5.36 7.20 -0.04
CA PRO A 15 5.86 7.09 -1.44
C PRO A 15 6.45 5.68 -1.80
N GLY A 16 6.59 5.39 -3.11
CA GLY A 16 7.13 4.10 -3.61
C GLY A 16 5.98 3.10 -3.81
N CYS A 17 5.96 2.47 -4.99
CA CYS A 17 5.01 1.35 -5.30
C CYS A 17 5.71 -0.06 -5.04
N PRO A 18 5.73 -0.71 -3.82
CA PRO A 18 6.21 -2.11 -3.64
C PRO A 18 5.15 -3.20 -4.03
N THR A 19 5.60 -4.48 -4.10
CA THR A 19 4.72 -5.68 -4.21
C THR A 19 4.16 -6.10 -2.83
N VAL A 20 3.01 -6.84 -2.83
CA VAL A 20 2.29 -7.23 -1.59
C VAL A 20 1.81 -8.73 -1.65
N LYS A 21 1.71 -9.36 -0.45
CA LYS A 21 1.26 -10.76 -0.26
C LYS A 21 -0.31 -10.95 -0.23
N PRO A 22 -1.00 -12.15 -0.37
CA PRO A 22 -2.50 -12.26 -0.27
C PRO A 22 -3.04 -11.87 1.13
N VAL A 24 -2.97 -8.30 2.23
CA VAL A 24 -2.54 -6.87 2.02
C VAL A 24 -2.69 -6.63 0.47
N THR A 25 -3.48 -5.61 0.09
CA THR A 25 -3.77 -5.28 -1.31
C THR A 25 -3.58 -3.73 -1.37
N ILE A 26 -2.47 -3.38 -2.01
CA ILE A 26 -1.94 -2.01 -2.21
C ILE A 26 -2.80 -1.14 -3.20
N ARG A 27 -2.60 0.19 -3.15
CA ARG A 27 -3.11 1.14 -4.17
C ARG A 27 -1.99 2.19 -4.23
N CYS A 28 -1.35 2.15 -5.38
CA CYS A 28 -0.37 3.18 -5.81
C CYS A 28 -1.14 4.10 -6.78
N GLU A 29 -1.42 5.33 -6.31
CA GLU A 29 -2.36 6.28 -6.98
C GLU A 29 -1.60 7.05 -8.08
N SER A 1 4.22 7.59 -7.54
CA SER A 1 2.98 6.91 -7.11
C SER A 1 3.06 6.60 -5.60
N LYS A 2 2.01 6.99 -4.86
CA LYS A 2 1.92 6.82 -3.36
C LYS A 2 1.18 5.49 -3.09
N TYR A 3 1.80 4.62 -2.26
CA TYR A 3 1.25 3.30 -1.86
C TYR A 3 0.28 3.49 -0.65
N GLU A 4 -0.95 2.99 -0.78
CA GLU A 4 -1.92 2.93 0.34
C GLU A 4 -2.23 1.40 0.43
N TYR A 5 -1.49 0.67 1.28
CA TYR A 5 -1.80 -0.75 1.62
C TYR A 5 -2.32 -0.77 3.05
N THR A 6 -3.45 -1.47 3.18
CA THR A 6 -4.27 -1.47 4.42
C THR A 6 -4.09 -2.87 5.07
N ILE A 7 -3.73 -2.89 6.37
CA ILE A 7 -3.27 -4.13 7.05
C ILE A 7 -4.13 -4.05 8.38
N SER A 9 -6.42 -2.69 11.32
CA SER A 9 -6.88 -1.31 11.62
C SER A 9 -6.18 -0.16 10.85
N TYR A 10 -4.98 -0.35 10.26
CA TYR A 10 -4.16 0.75 9.70
C TYR A 10 -4.34 0.86 8.17
N THR A 11 -4.43 2.11 7.68
CA THR A 11 -4.32 2.46 6.25
C THR A 11 -2.91 3.11 6.21
N PHE A 12 -1.93 2.35 5.69
CA PHE A 12 -0.50 2.77 5.68
C PHE A 12 -0.28 3.49 4.30
N ARG A 13 -0.33 4.84 4.31
CA ARG A 13 -0.36 5.67 3.06
C ARG A 13 0.99 6.46 3.03
N GLY A 14 1.81 6.30 1.96
CA GLY A 14 3.10 7.04 1.80
C GLY A 14 3.81 6.91 0.40
N PRO A 15 5.12 7.26 0.09
CA PRO A 15 5.71 7.11 -1.27
C PRO A 15 6.36 5.70 -1.53
N GLY A 16 6.53 5.35 -2.83
CA GLY A 16 7.18 4.09 -3.27
C GLY A 16 6.16 2.96 -3.36
N CYS A 17 5.95 2.41 -4.57
CA CYS A 17 5.02 1.29 -4.83
C CYS A 17 5.77 -0.11 -4.86
N PRO A 18 5.96 -0.92 -3.75
CA PRO A 18 6.46 -2.32 -3.84
C PRO A 18 5.34 -3.37 -4.20
N THR A 19 5.76 -4.62 -4.49
CA THR A 19 4.85 -5.81 -4.60
C THR A 19 4.57 -6.37 -3.19
N VAL A 20 3.33 -6.87 -2.96
CA VAL A 20 2.88 -7.38 -1.62
C VAL A 20 1.99 -8.67 -1.74
N LYS A 21 1.87 -9.42 -0.62
CA LYS A 21 1.31 -10.78 -0.51
C LYS A 21 -0.23 -11.00 -0.89
N PRO A 22 -0.89 -12.24 -0.91
CA PRO A 22 -2.35 -12.37 -1.14
C PRO A 22 -3.14 -12.10 0.18
N VAL A 24 -3.20 -8.61 1.63
CA VAL A 24 -2.75 -7.18 1.63
C VAL A 24 -2.77 -6.77 0.11
N THR A 25 -3.64 -5.82 -0.26
CA THR A 25 -3.84 -5.34 -1.63
C THR A 25 -3.64 -3.80 -1.52
N ILE A 26 -2.47 -3.41 -2.03
CA ILE A 26 -1.95 -2.03 -2.14
C ILE A 26 -2.77 -1.14 -3.15
N ARG A 27 -2.65 0.19 -3.03
CA ARG A 27 -3.17 1.16 -4.04
C ARG A 27 -2.07 2.20 -4.19
N CYS A 28 -1.47 2.05 -5.36
CA CYS A 28 -0.39 2.90 -5.87
C CYS A 28 -1.09 3.97 -6.75
N GLU A 29 -1.09 5.22 -6.25
CA GLU A 29 -1.94 6.34 -6.77
C GLU A 29 -1.35 6.89 -8.09
N SER A 1 3.86 8.70 -7.89
CA SER A 1 3.23 7.43 -7.48
C SER A 1 3.46 7.20 -5.97
N LYS A 2 2.37 6.93 -5.22
CA LYS A 2 2.40 6.68 -3.75
C LYS A 2 1.47 5.48 -3.40
N TYR A 3 1.91 4.61 -2.45
CA TYR A 3 1.15 3.42 -2.00
C TYR A 3 0.18 3.76 -0.85
N GLU A 4 -1.00 3.10 -0.86
CA GLU A 4 -1.94 3.08 0.30
C GLU A 4 -2.12 1.55 0.47
N TYR A 5 -1.36 0.92 1.40
CA TYR A 5 -1.39 -0.55 1.67
C TYR A 5 -1.93 -0.70 3.08
N THR A 6 -3.03 -1.45 3.15
CA THR A 6 -3.87 -1.57 4.35
C THR A 6 -3.63 -2.99 4.93
N ILE A 7 -3.47 -3.04 6.27
CA ILE A 7 -2.98 -4.26 6.96
C ILE A 7 -4.02 -4.38 8.14
N SER A 9 -6.84 -3.43 10.48
CA SER A 9 -7.68 -2.21 10.63
C SER A 9 -6.90 -0.87 10.39
N TYR A 10 -5.63 -0.93 9.92
CA TYR A 10 -4.71 0.23 9.88
C TYR A 10 -4.33 0.51 8.41
N THR A 11 -4.51 1.77 7.95
CA THR A 11 -4.20 2.18 6.56
C THR A 11 -2.79 2.82 6.64
N PHE A 12 -1.82 2.14 6.02
CA PHE A 12 -0.40 2.61 5.99
C PHE A 12 -0.19 3.21 4.58
N ARG A 13 0.15 4.51 4.47
CA ARG A 13 0.13 5.24 3.16
C ARG A 13 1.40 6.13 3.07
N GLY A 14 2.21 5.94 2.01
CA GLY A 14 3.48 6.70 1.82
C GLY A 14 4.17 6.57 0.40
N PRO A 15 5.32 7.24 -0.02
CA PRO A 15 5.85 7.13 -1.41
C PRO A 15 6.69 5.83 -1.68
N GLY A 16 6.84 5.49 -2.98
CA GLY A 16 7.59 4.30 -3.46
C GLY A 16 6.74 3.02 -3.34
N CYS A 17 6.09 2.60 -4.44
CA CYS A 17 5.03 1.55 -4.41
C CYS A 17 5.51 0.12 -4.89
N PRO A 18 5.95 -0.89 -4.04
CA PRO A 18 6.26 -2.27 -4.51
C PRO A 18 5.01 -3.23 -4.57
N THR A 19 5.23 -4.50 -5.00
CA THR A 19 4.24 -5.63 -4.92
C THR A 19 3.82 -5.99 -3.46
N VAL A 20 2.67 -6.73 -3.31
CA VAL A 20 2.16 -7.18 -1.98
C VAL A 20 1.69 -8.68 -1.99
N LYS A 21 1.74 -9.31 -0.80
CA LYS A 21 1.43 -10.73 -0.57
C LYS A 21 -0.12 -11.15 -0.58
N PRO A 22 -0.65 -12.40 -0.23
CA PRO A 22 -2.12 -12.65 -0.15
C PRO A 22 -2.69 -12.19 1.22
N VAL A 24 -2.86 -8.47 2.18
CA VAL A 24 -2.57 -7.02 1.97
C VAL A 24 -2.78 -6.75 0.43
N THR A 25 -3.53 -5.68 0.10
CA THR A 25 -3.89 -5.31 -1.27
C THR A 25 -3.69 -3.76 -1.30
N ILE A 26 -2.61 -3.40 -1.98
CA ILE A 26 -2.09 -2.03 -2.19
C ILE A 26 -2.98 -1.16 -3.14
N ARG A 27 -2.78 0.17 -3.11
CA ARG A 27 -3.29 1.12 -4.12
C ARG A 27 -2.09 2.06 -4.30
N CYS A 28 -1.52 1.87 -5.47
CA CYS A 28 -0.45 2.75 -6.01
C CYS A 28 -1.15 3.73 -6.97
N GLU A 29 -1.22 5.00 -6.53
CA GLU A 29 -2.07 6.05 -7.15
C GLU A 29 -1.36 6.64 -8.39
N SER A 1 3.31 9.19 -7.50
CA SER A 1 2.89 7.81 -7.20
C SER A 1 3.21 7.49 -5.73
N LYS A 2 2.19 7.02 -4.98
CA LYS A 2 2.30 6.66 -3.53
C LYS A 2 1.49 5.36 -3.24
N TYR A 3 2.08 4.44 -2.44
CA TYR A 3 1.46 3.13 -2.08
C TYR A 3 0.51 3.33 -0.87
N GLU A 4 -0.79 2.99 -1.02
CA GLU A 4 -1.72 2.93 0.13
C GLU A 4 -1.97 1.41 0.30
N TYR A 5 -1.24 0.80 1.27
CA TYR A 5 -1.35 -0.65 1.57
C TYR A 5 -2.00 -0.71 2.95
N THR A 6 -3.16 -1.38 2.96
CA THR A 6 -4.08 -1.37 4.11
C THR A 6 -3.98 -2.77 4.79
N ILE A 7 -3.81 -2.80 6.12
CA ILE A 7 -3.43 -4.04 6.85
C ILE A 7 -4.42 -3.95 8.10
N SER A 9 -6.94 -2.61 10.83
CA SER A 9 -7.43 -1.23 11.09
C SER A 9 -6.68 -0.07 10.39
N TYR A 10 -5.42 -0.25 9.90
CA TYR A 10 -4.57 0.85 9.42
C TYR A 10 -4.63 0.99 7.88
N THR A 11 -4.65 2.25 7.40
CA THR A 11 -4.44 2.61 5.99
C THR A 11 -3.02 3.23 6.04
N PHE A 12 -2.00 2.43 5.66
CA PHE A 12 -0.57 2.85 5.75
C PHE A 12 -0.23 3.44 4.34
N ARG A 13 -0.02 4.76 4.25
CA ARG A 13 0.04 5.49 2.95
C ARG A 13 1.36 6.31 2.94
N GLY A 14 2.27 5.98 1.99
CA GLY A 14 3.57 6.70 1.80
C GLY A 14 4.25 6.48 0.39
N PRO A 15 5.52 6.91 0.01
CA PRO A 15 6.04 6.73 -1.38
C PRO A 15 6.72 5.34 -1.65
N GLY A 16 6.88 4.98 -2.94
CA GLY A 16 7.58 3.76 -3.40
C GLY A 16 6.57 2.59 -3.49
N CYS A 17 6.31 2.09 -4.72
CA CYS A 17 5.27 1.06 -4.97
C CYS A 17 5.89 -0.38 -5.17
N PRO A 18 6.19 -1.25 -4.11
CA PRO A 18 6.56 -2.68 -4.31
C PRO A 18 5.34 -3.64 -4.46
N THR A 19 5.62 -4.93 -4.78
CA THR A 19 4.63 -6.05 -4.70
C THR A 19 4.43 -6.50 -3.24
N VAL A 20 3.19 -6.97 -2.89
CA VAL A 20 2.83 -7.29 -1.47
C VAL A 20 1.98 -8.60 -1.37
N LYS A 21 2.09 -9.28 -0.21
CA LYS A 21 1.29 -10.45 0.29
C LYS A 21 -0.11 -10.77 -0.39
N PRO A 22 -0.68 -12.03 -0.58
CA PRO A 22 -2.09 -12.22 -0.98
C PRO A 22 -3.04 -11.96 0.23
N VAL A 24 -3.25 -8.34 1.53
CA VAL A 24 -2.88 -6.88 1.56
C VAL A 24 -2.95 -6.42 0.06
N THR A 25 -3.89 -5.49 -0.25
CA THR A 25 -4.19 -5.03 -1.61
C THR A 25 -3.86 -3.51 -1.57
N ILE A 26 -2.71 -3.24 -2.17
CA ILE A 26 -2.06 -1.91 -2.34
C ILE A 26 -2.85 -0.94 -3.30
N ARG A 27 -2.48 0.35 -3.31
CA ARG A 27 -2.95 1.32 -4.32
C ARG A 27 -1.74 2.23 -4.53
N CYS A 28 -1.21 2.10 -5.73
CA CYS A 28 -0.19 3.05 -6.25
C CYS A 28 -1.01 4.07 -7.09
N GLU A 29 -1.30 5.21 -6.43
CA GLU A 29 -2.31 6.21 -6.89
C GLU A 29 -1.78 7.04 -8.08
N SER A 1 6.06 8.15 -7.00
CA SER A 1 5.41 6.92 -6.53
C SER A 1 4.85 7.13 -5.11
N LYS A 2 3.56 6.80 -4.91
CA LYS A 2 2.84 6.95 -3.62
C LYS A 2 1.94 5.71 -3.41
N TYR A 3 2.09 5.03 -2.25
CA TYR A 3 1.29 3.81 -1.90
C TYR A 3 0.33 4.06 -0.72
N GLU A 4 -0.86 3.42 -0.73
CA GLU A 4 -1.78 3.35 0.44
C GLU A 4 -2.02 1.83 0.58
N TYR A 5 -1.23 1.15 1.46
CA TYR A 5 -1.32 -0.32 1.69
C TYR A 5 -1.89 -0.50 3.10
N THR A 6 -2.99 -1.25 3.14
CA THR A 6 -3.85 -1.39 4.33
C THR A 6 -3.65 -2.82 4.88
N ILE A 7 -3.46 -2.92 6.20
CA ILE A 7 -2.99 -4.17 6.85
C ILE A 7 -4.04 -4.32 8.03
N SER A 9 -6.87 -3.43 10.42
CA SER A 9 -7.69 -2.20 10.60
C SER A 9 -6.90 -0.87 10.41
N TYR A 10 -5.64 -0.92 9.90
CA TYR A 10 -4.72 0.23 9.89
C TYR A 10 -4.32 0.54 8.42
N THR A 11 -4.49 1.80 7.99
CA THR A 11 -4.13 2.26 6.62
C THR A 11 -2.72 2.89 6.76
N PHE A 12 -1.75 2.27 6.07
CA PHE A 12 -0.33 2.72 6.08
C PHE A 12 -0.11 3.38 4.70
N ARG A 13 0.11 4.72 4.68
CA ARG A 13 0.12 5.53 3.42
C ARG A 13 1.46 6.33 3.39
N GLY A 14 2.28 6.13 2.34
CA GLY A 14 3.58 6.85 2.18
C GLY A 14 4.26 6.76 0.76
N PRO A 15 5.61 7.00 0.48
CA PRO A 15 6.15 6.98 -0.92
C PRO A 15 6.69 5.58 -1.37
N GLY A 16 6.74 5.36 -2.70
CA GLY A 16 7.31 4.14 -3.32
C GLY A 16 6.29 2.99 -3.34
N CYS A 17 5.79 2.63 -4.55
CA CYS A 17 4.66 1.66 -4.69
C CYS A 17 5.16 0.27 -5.28
N PRO A 18 5.73 -0.73 -4.50
CA PRO A 18 6.04 -2.10 -5.00
C PRO A 18 4.82 -3.09 -4.96
N THR A 19 5.05 -4.36 -5.37
CA THR A 19 4.11 -5.52 -5.21
C THR A 19 3.80 -5.87 -3.71
N VAL A 20 2.65 -6.56 -3.48
CA VAL A 20 2.22 -7.00 -2.11
C VAL A 20 1.77 -8.50 -2.10
N LYS A 21 1.87 -9.14 -0.90
CA LYS A 21 1.51 -10.55 -0.64
C LYS A 21 -0.03 -10.82 -0.48
N PRO A 22 -0.66 -12.07 -0.54
CA PRO A 22 -2.14 -12.28 -0.38
C PRO A 22 -2.64 -11.91 1.04
N VAL A 24 -2.77 -8.35 2.13
CA VAL A 24 -2.43 -6.91 1.88
C VAL A 24 -2.65 -6.68 0.34
N THR A 25 -3.40 -5.62 -0.01
CA THR A 25 -3.74 -5.27 -1.40
C THR A 25 -3.60 -3.72 -1.40
N ILE A 26 -2.53 -3.30 -2.08
CA ILE A 26 -2.04 -1.91 -2.19
C ILE A 26 -2.97 -0.97 -3.06
N ARG A 27 -2.74 0.33 -2.88
CA ARG A 27 -3.18 1.41 -3.76
C ARG A 27 -1.78 1.97 -4.10
N CYS A 28 -1.60 2.23 -5.38
CA CYS A 28 -0.48 3.10 -5.85
C CYS A 28 -1.08 4.46 -6.28
N GLU A 29 -1.63 5.16 -5.25
CA GLU A 29 -2.46 6.40 -5.37
C GLU A 29 -2.57 7.03 -3.97
N SER A 1 3.15 8.64 -7.78
CA SER A 1 2.89 7.29 -7.24
C SER A 1 3.01 7.32 -5.71
N LYS A 2 1.98 6.80 -5.01
CA LYS A 2 1.93 6.71 -3.52
C LYS A 2 1.14 5.41 -3.19
N TYR A 3 1.74 4.55 -2.32
CA TYR A 3 1.13 3.27 -1.90
C TYR A 3 0.22 3.49 -0.68
N GLU A 4 -1.03 3.02 -0.77
CA GLU A 4 -1.95 2.91 0.39
C GLU A 4 -2.09 1.37 0.55
N TYR A 5 -1.28 0.77 1.48
CA TYR A 5 -1.23 -0.69 1.69
C TYR A 5 -1.83 -0.89 3.08
N THR A 6 -3.03 -1.47 3.08
CA THR A 6 -3.93 -1.53 4.24
C THR A 6 -3.71 -2.88 4.94
N ILE A 7 -3.45 -2.85 6.26
CA ILE A 7 -2.95 -4.02 7.02
C ILE A 7 -4.09 -4.26 8.09
N SER A 9 -7.03 -3.41 10.32
CA SER A 9 -7.68 -2.10 10.59
C SER A 9 -6.88 -0.84 10.14
N TYR A 10 -5.55 -0.98 9.85
CA TYR A 10 -4.63 0.16 9.62
C TYR A 10 -4.61 0.53 8.13
N THR A 11 -4.58 1.85 7.81
CA THR A 11 -4.33 2.35 6.45
C THR A 11 -2.93 3.01 6.57
N PHE A 12 -1.93 2.37 5.94
CA PHE A 12 -0.55 2.94 5.83
C PHE A 12 -0.47 3.57 4.42
N ARG A 13 -0.29 4.91 4.35
CA ARG A 13 -0.34 5.67 3.06
C ARG A 13 0.95 6.53 2.97
N GLY A 14 1.76 6.35 1.91
CA GLY A 14 2.99 7.17 1.67
C GLY A 14 3.69 6.96 0.26
N PRO A 15 5.03 7.20 -0.02
CA PRO A 15 5.62 6.97 -1.38
C PRO A 15 6.15 5.51 -1.60
N GLY A 16 6.33 5.12 -2.88
CA GLY A 16 6.95 3.83 -3.27
C GLY A 16 5.90 2.73 -3.37
N CYS A 17 5.70 2.18 -4.57
CA CYS A 17 4.70 1.11 -4.85
C CYS A 17 5.38 -0.32 -4.94
N PRO A 18 5.67 -1.12 -3.84
CA PRO A 18 6.15 -2.53 -3.95
C PRO A 18 5.00 -3.58 -4.16
N THR A 19 5.39 -4.86 -4.39
CA THR A 19 4.46 -6.04 -4.36
C THR A 19 4.08 -6.45 -2.91
N VAL A 20 2.90 -7.12 -2.76
CA VAL A 20 2.28 -7.39 -1.42
C VAL A 20 1.71 -8.84 -1.27
N LYS A 21 1.62 -9.27 0.01
CA LYS A 21 1.12 -10.60 0.46
C LYS A 21 -0.39 -10.95 0.14
N PRO A 22 -0.92 -12.23 0.23
CA PRO A 22 -2.37 -12.52 0.16
C PRO A 22 -3.08 -12.08 1.49
N VAL A 24 -2.95 -8.32 2.39
CA VAL A 24 -2.51 -6.90 2.07
C VAL A 24 -2.68 -6.76 0.51
N THR A 25 -3.46 -5.74 0.09
CA THR A 25 -3.78 -5.45 -1.32
C THR A 25 -3.65 -3.92 -1.39
N ILE A 26 -2.57 -3.51 -2.07
CA ILE A 26 -2.09 -2.12 -2.25
C ILE A 26 -3.02 -1.23 -3.16
N ARG A 27 -2.82 0.10 -3.10
CA ARG A 27 -3.39 1.07 -4.05
C ARG A 27 -2.21 2.03 -4.25
N CYS A 28 -1.73 1.98 -5.47
CA CYS A 28 -0.72 2.92 -6.00
C CYS A 28 -1.49 4.04 -6.75
N GLU A 29 -1.38 5.27 -6.22
CA GLU A 29 -2.24 6.44 -6.62
C GLU A 29 -1.69 7.05 -7.93
N SER A 1 3.69 8.69 -7.55
CA SER A 1 3.28 7.36 -7.08
C SER A 1 3.34 7.32 -5.54
N LYS A 2 2.24 6.89 -4.90
CA LYS A 2 2.11 6.77 -3.41
C LYS A 2 1.33 5.48 -3.08
N TYR A 3 1.93 4.59 -2.26
CA TYR A 3 1.32 3.30 -1.85
C TYR A 3 0.40 3.49 -0.63
N GLU A 4 -0.85 3.02 -0.73
CA GLU A 4 -1.78 2.90 0.43
C GLU A 4 -1.88 1.36 0.56
N TYR A 5 -1.10 0.76 1.50
CA TYR A 5 -1.04 -0.70 1.71
C TYR A 5 -1.64 -0.88 3.11
N THR A 6 -2.86 -1.43 3.09
CA THR A 6 -3.76 -1.48 4.25
C THR A 6 -3.57 -2.86 4.93
N ILE A 7 -3.26 -2.84 6.24
CA ILE A 7 -2.77 -4.03 6.97
C ILE A 7 -3.93 -4.32 8.01
N SER A 9 -6.83 -3.56 10.01
CA SER A 9 -7.64 -2.32 10.22
C SER A 9 -6.80 -1.00 10.19
N TYR A 10 -5.48 -1.10 9.88
CA TYR A 10 -4.51 0.02 10.03
C TYR A 10 -4.01 0.40 8.63
N THR A 11 -4.25 1.66 8.23
CA THR A 11 -4.02 2.16 6.85
C THR A 11 -2.62 2.84 6.88
N PHE A 12 -1.71 2.31 6.04
CA PHE A 12 -0.32 2.84 5.93
C PHE A 12 -0.22 3.47 4.52
N ARG A 13 0.05 4.79 4.44
CA ARG A 13 -0.09 5.56 3.17
C ARG A 13 1.13 6.52 3.07
N GLY A 14 1.99 6.33 2.04
CA GLY A 14 3.18 7.19 1.80
C GLY A 14 3.89 6.97 0.42
N PRO A 15 5.23 7.25 0.11
CA PRO A 15 5.81 7.04 -1.25
C PRO A 15 6.39 5.59 -1.48
N GLY A 16 6.56 5.22 -2.77
CA GLY A 16 7.20 3.94 -3.18
C GLY A 16 6.16 2.83 -3.31
N CYS A 17 5.95 2.31 -4.53
CA CYS A 17 4.95 1.24 -4.81
C CYS A 17 5.64 -0.17 -4.92
N PRO A 18 5.92 -1.00 -3.84
CA PRO A 18 6.38 -2.41 -3.98
C PRO A 18 5.22 -3.45 -4.23
N THR A 19 5.59 -4.72 -4.50
CA THR A 19 4.66 -5.89 -4.53
C THR A 19 4.27 -6.35 -3.09
N VAL A 20 3.07 -7.01 -2.96
CA VAL A 20 2.48 -7.38 -1.64
C VAL A 20 1.91 -8.84 -1.64
N LYS A 21 1.87 -9.46 -0.43
CA LYS A 21 1.39 -10.84 -0.18
C LYS A 21 -0.18 -10.97 -0.07
N PRO A 22 -0.93 -12.16 -0.14
CA PRO A 22 -2.41 -12.23 0.02
C PRO A 22 -2.89 -11.79 1.43
N VAL A 24 -2.75 -8.26 2.45
CA VAL A 24 -2.27 -6.88 2.10
C VAL A 24 -2.46 -6.75 0.55
N THR A 25 -3.24 -5.73 0.11
CA THR A 25 -3.54 -5.46 -1.29
C THR A 25 -3.41 -3.92 -1.37
N ILE A 26 -2.33 -3.52 -2.05
CA ILE A 26 -1.85 -2.13 -2.23
C ILE A 26 -2.79 -1.25 -3.13
N ARG A 27 -2.59 0.09 -3.06
CA ARG A 27 -3.18 1.06 -4.02
C ARG A 27 -2.03 2.06 -4.21
N CYS A 28 -1.54 2.02 -5.43
CA CYS A 28 -0.56 3.00 -5.95
C CYS A 28 -1.37 4.03 -6.76
N GLU A 29 -1.38 5.29 -6.25
CA GLU A 29 -2.29 6.37 -6.73
C GLU A 29 -1.70 7.03 -7.99
N SER A 1 3.31 9.45 -7.67
CA SER A 1 2.75 8.13 -7.31
C SER A 1 3.19 7.76 -5.88
N LYS A 2 2.21 7.36 -5.04
CA LYS A 2 2.43 6.94 -3.62
C LYS A 2 1.55 5.70 -3.29
N TYR A 3 2.11 4.73 -2.53
CA TYR A 3 1.43 3.46 -2.18
C TYR A 3 0.44 3.64 -1.00
N GLU A 4 -0.75 3.00 -1.06
CA GLU A 4 -1.67 2.91 0.11
C GLU A 4 -1.81 1.38 0.30
N TYR A 5 -1.01 0.82 1.25
CA TYR A 5 -0.99 -0.63 1.55
C TYR A 5 -1.62 -0.74 2.93
N THR A 6 -2.72 -1.48 2.96
CA THR A 6 -3.64 -1.55 4.11
C THR A 6 -3.42 -2.94 4.76
N ILE A 7 -3.21 -2.95 6.09
CA ILE A 7 -2.73 -4.14 6.83
C ILE A 7 -3.85 -4.25 7.94
N SER A 9 -6.79 -3.25 10.01
CA SER A 9 -7.64 -2.02 10.06
C SER A 9 -6.86 -0.69 9.86
N TYR A 10 -5.53 -0.75 9.55
CA TYR A 10 -4.63 0.42 9.57
C TYR A 10 -4.18 0.70 8.12
N THR A 11 -4.39 1.95 7.64
CA THR A 11 -4.13 2.34 6.23
C THR A 11 -2.73 3.01 6.27
N PHE A 12 -1.73 2.30 5.71
CA PHE A 12 -0.31 2.78 5.73
C PHE A 12 -0.05 3.35 4.31
N ARG A 13 0.13 4.70 4.22
CA ARG A 13 0.15 5.41 2.91
C ARG A 13 1.42 6.30 2.86
N GLY A 14 2.29 6.08 1.85
CA GLY A 14 3.57 6.80 1.70
C GLY A 14 4.33 6.62 0.32
N PRO A 15 5.45 7.34 -0.11
CA PRO A 15 6.05 7.16 -1.45
C PRO A 15 7.01 5.91 -1.57
N GLY A 16 7.29 5.50 -2.83
CA GLY A 16 8.16 4.35 -3.16
C GLY A 16 7.36 3.03 -3.12
N CYS A 17 6.80 2.63 -4.28
CA CYS A 17 5.78 1.56 -4.39
C CYS A 17 6.31 0.08 -4.49
N PRO A 18 6.31 -0.83 -3.43
CA PRO A 18 6.56 -2.30 -3.60
C PRO A 18 5.26 -3.05 -4.11
N THR A 19 5.36 -4.39 -4.32
CA THR A 19 4.16 -5.28 -4.53
C THR A 19 3.93 -6.12 -3.22
N VAL A 20 2.68 -6.58 -3.04
CA VAL A 20 2.15 -7.13 -1.74
C VAL A 20 1.66 -8.61 -1.87
N LYS A 21 1.69 -9.31 -0.71
CA LYS A 21 1.30 -10.72 -0.54
C LYS A 21 -0.29 -10.93 -0.48
N PRO A 22 -0.93 -12.16 -0.32
CA PRO A 22 -2.41 -12.31 -0.22
C PRO A 22 -2.92 -11.87 1.18
N VAL A 24 -2.95 -8.20 2.20
CA VAL A 24 -2.60 -6.76 1.97
C VAL A 24 -2.81 -6.48 0.44
N THR A 25 -3.39 -5.30 0.10
CA THR A 25 -3.75 -4.91 -1.27
C THR A 25 -3.40 -3.39 -1.35
N ILE A 26 -2.29 -3.15 -2.06
CA ILE A 26 -1.65 -1.84 -2.32
C ILE A 26 -2.44 -0.94 -3.32
N ARG A 27 -2.18 0.39 -3.29
CA ARG A 27 -2.65 1.34 -4.33
C ARG A 27 -1.54 2.40 -4.47
N CYS A 28 -0.82 2.21 -5.56
CA CYS A 28 0.17 3.20 -6.05
C CYS A 28 -0.63 4.08 -7.05
N GLU A 29 -1.07 5.24 -6.53
CA GLU A 29 -2.11 6.10 -7.15
C GLU A 29 -1.57 6.83 -8.39
N SER A 1 3.85 8.57 -7.81
CA SER A 1 3.19 7.32 -7.38
C SER A 1 3.43 7.10 -5.87
N LYS A 2 2.33 6.86 -5.13
CA LYS A 2 2.35 6.62 -3.65
C LYS A 2 1.43 5.41 -3.28
N TYR A 3 1.87 4.58 -2.32
CA TYR A 3 1.12 3.36 -1.88
C TYR A 3 0.13 3.70 -0.74
N GLU A 4 -1.05 3.05 -0.76
CA GLU A 4 -2.00 3.02 0.37
C GLU A 4 -2.17 1.48 0.54
N TYR A 5 -1.42 0.85 1.48
CA TYR A 5 -1.48 -0.62 1.74
C TYR A 5 -2.01 -0.78 3.16
N THR A 6 -3.09 -1.54 3.24
CA THR A 6 -3.94 -1.65 4.46
C THR A 6 -3.65 -3.04 5.09
N ILE A 7 -3.40 -3.07 6.42
CA ILE A 7 -2.89 -4.28 7.12
C ILE A 7 -3.80 -4.30 8.41
N SER A 9 -6.28 -3.24 11.31
CA SER A 9 -6.87 -1.92 11.63
C SER A 9 -6.26 -0.69 10.92
N TYR A 10 -5.03 -0.76 10.34
CA TYR A 10 -4.29 0.43 9.84
C TYR A 10 -4.39 0.54 8.30
N THR A 11 -4.52 1.81 7.82
CA THR A 11 -4.33 2.17 6.40
C THR A 11 -2.94 2.86 6.45
N PHE A 12 -1.91 2.11 6.01
CA PHE A 12 -0.50 2.61 6.01
C PHE A 12 -0.28 3.24 4.61
N ARG A 13 -0.05 4.58 4.55
CA ARG A 13 -0.09 5.34 3.26
C ARG A 13 1.19 6.22 3.18
N GLY A 14 2.02 6.04 2.12
CA GLY A 14 3.29 6.77 1.96
C GLY A 14 3.99 6.67 0.53
N PRO A 15 5.10 7.39 0.12
CA PRO A 15 5.65 7.30 -1.27
C PRO A 15 6.54 6.04 -1.52
N GLY A 16 6.70 5.68 -2.82
CA GLY A 16 7.50 4.52 -3.29
C GLY A 16 6.69 3.21 -3.16
N CYS A 17 6.07 2.75 -4.26
CA CYS A 17 5.05 1.66 -4.22
C CYS A 17 5.60 0.24 -4.67
N PRO A 18 6.06 -0.74 -3.79
CA PRO A 18 6.44 -2.11 -4.22
C PRO A 18 5.23 -3.10 -4.34
N THR A 19 5.51 -4.37 -4.76
CA THR A 19 4.55 -5.52 -4.73
C THR A 19 4.10 -5.94 -3.29
N VAL A 20 2.96 -6.70 -3.21
CA VAL A 20 2.39 -7.17 -1.91
C VAL A 20 1.99 -8.70 -1.98
N LYS A 21 2.00 -9.35 -0.80
CA LYS A 21 1.64 -10.78 -0.62
C LYS A 21 0.09 -11.04 -0.51
N PRO A 22 -0.55 -12.29 -0.65
CA PRO A 22 -2.01 -12.49 -0.49
C PRO A 22 -2.51 -12.18 0.95
N VAL A 24 -2.60 -8.63 2.17
CA VAL A 24 -2.27 -7.17 1.99
C VAL A 24 -2.53 -6.86 0.47
N THR A 25 -3.33 -5.82 0.19
CA THR A 25 -3.74 -5.42 -1.17
C THR A 25 -3.57 -3.88 -1.18
N ILE A 26 -2.53 -3.49 -1.89
CA ILE A 26 -2.03 -2.11 -2.10
C ILE A 26 -2.95 -1.26 -3.05
N ARG A 27 -2.75 0.08 -3.02
CA ARG A 27 -3.28 1.01 -4.04
C ARG A 27 -2.09 1.97 -4.22
N CYS A 28 -1.49 1.79 -5.38
CA CYS A 28 -0.42 2.67 -5.91
C CYS A 28 -1.13 3.63 -6.89
N GLU A 29 -1.23 4.90 -6.46
CA GLU A 29 -2.08 5.94 -7.09
C GLU A 29 -1.37 6.52 -8.33
N SER A 1 3.90 8.50 -7.78
CA SER A 1 3.32 7.23 -7.31
C SER A 1 3.50 7.09 -5.78
N LYS A 2 2.38 6.81 -5.07
CA LYS A 2 2.36 6.65 -3.58
C LYS A 2 1.44 5.45 -3.21
N TYR A 3 1.89 4.58 -2.27
CA TYR A 3 1.15 3.37 -1.84
C TYR A 3 0.15 3.70 -0.69
N GLU A 4 -1.03 3.06 -0.74
CA GLU A 4 -1.99 3.02 0.40
C GLU A 4 -2.16 1.48 0.55
N TYR A 5 -1.41 0.85 1.49
CA TYR A 5 -1.47 -0.62 1.75
C TYR A 5 -2.02 -0.77 3.17
N THR A 6 -3.12 -1.53 3.24
CA THR A 6 -3.97 -1.63 4.44
C THR A 6 -3.71 -3.03 5.06
N ILE A 7 -3.46 -3.08 6.40
CA ILE A 7 -2.96 -4.30 7.08
C ILE A 7 -3.86 -4.31 8.37
N SER A 9 -6.33 -3.24 11.27
CA SER A 9 -6.92 -1.92 11.61
C SER A 9 -6.30 -0.68 10.89
N TYR A 10 -5.06 -0.77 10.33
CA TYR A 10 -4.32 0.42 9.84
C TYR A 10 -4.42 0.55 8.30
N THR A 11 -4.55 1.81 7.82
CA THR A 11 -4.36 2.19 6.41
C THR A 11 -2.96 2.87 6.47
N PHE A 12 -1.93 2.13 6.01
CA PHE A 12 -0.52 2.62 6.03
C PHE A 12 -0.30 3.26 4.62
N ARG A 13 -0.07 4.59 4.57
CA ARG A 13 -0.10 5.36 3.28
C ARG A 13 1.18 6.22 3.22
N GLY A 14 2.02 6.05 2.16
CA GLY A 14 3.31 6.77 2.02
C GLY A 14 4.01 6.67 0.60
N PRO A 15 5.13 7.40 0.20
CA PRO A 15 5.69 7.32 -1.18
C PRO A 15 6.59 6.05 -1.43
N GLY A 16 6.76 5.70 -2.73
CA GLY A 16 7.55 4.54 -3.19
C GLY A 16 6.75 3.23 -3.07
N CYS A 17 6.13 2.78 -4.19
CA CYS A 17 5.10 1.70 -4.16
C CYS A 17 5.65 0.28 -4.61
N PRO A 18 6.09 -0.71 -3.73
CA PRO A 18 6.47 -2.08 -4.17
C PRO A 18 5.25 -3.07 -4.31
N THR A 19 5.54 -4.32 -4.74
CA THR A 19 4.57 -5.47 -4.73
C THR A 19 4.11 -5.91 -3.31
N VAL A 20 2.97 -6.66 -3.23
CA VAL A 20 2.39 -7.15 -1.94
C VAL A 20 1.96 -8.65 -2.04
N LYS A 21 1.98 -9.35 -0.87
CA LYS A 21 1.62 -10.77 -0.72
C LYS A 21 0.05 -11.03 -0.64
N PRO A 22 -0.59 -12.27 -0.80
CA PRO A 22 -2.07 -12.46 -0.65
C PRO A 22 -2.56 -12.18 0.80
N VAL A 24 -2.61 -8.65 2.08
CA VAL A 24 -2.27 -7.19 1.94
C VAL A 24 -2.54 -6.84 0.43
N THR A 25 -3.34 -5.78 0.19
CA THR A 25 -3.72 -5.31 -1.17
C THR A 25 -3.64 -3.78 -1.21
N ILE A 26 -2.56 -3.42 -1.90
CA ILE A 26 -2.05 -2.05 -2.11
C ILE A 26 -2.94 -1.19 -3.08
N ARG A 27 -2.75 0.15 -3.02
CA ARG A 27 -3.25 1.09 -4.04
C ARG A 27 -2.05 2.05 -4.21
N CYS A 28 -1.44 1.86 -5.37
CA CYS A 28 -0.37 2.73 -5.88
C CYS A 28 -1.07 3.69 -6.87
N GLU A 29 -1.19 4.96 -6.42
CA GLU A 29 -2.05 5.99 -7.08
C GLU A 29 -1.29 6.62 -8.27
N SER A 1 3.62 8.65 -7.62
CA SER A 1 3.19 7.33 -7.15
C SER A 1 3.34 7.24 -5.62
N LYS A 2 2.26 6.82 -4.93
CA LYS A 2 2.22 6.66 -3.44
C LYS A 2 1.38 5.41 -3.11
N TYR A 3 1.98 4.43 -2.38
CA TYR A 3 1.35 3.14 -2.05
C TYR A 3 0.42 3.29 -0.82
N GLU A 4 -0.87 2.93 -0.95
CA GLU A 4 -1.78 2.85 0.22
C GLU A 4 -2.00 1.33 0.38
N TYR A 5 -1.20 0.71 1.28
CA TYR A 5 -1.27 -0.74 1.59
C TYR A 5 -1.91 -0.81 2.97
N THR A 6 -3.08 -1.47 3.00
CA THR A 6 -3.99 -1.47 4.15
C THR A 6 -3.89 -2.87 4.81
N ILE A 7 -3.68 -2.91 6.15
CA ILE A 7 -3.30 -4.14 6.88
C ILE A 7 -4.27 -4.06 8.12
N SER A 9 -6.77 -2.72 10.88
CA SER A 9 -7.27 -1.35 11.14
C SER A 9 -6.52 -0.19 10.43
N TYR A 10 -5.27 -0.37 9.94
CA TYR A 10 -4.42 0.74 9.45
C TYR A 10 -4.52 0.90 7.91
N THR A 11 -4.58 2.16 7.45
CA THR A 11 -4.41 2.55 6.03
C THR A 11 -2.99 3.20 6.06
N PHE A 12 -1.96 2.43 5.64
CA PHE A 12 -0.55 2.89 5.69
C PHE A 12 -0.28 3.49 4.28
N ARG A 13 -0.09 4.82 4.20
CA ARG A 13 -0.09 5.56 2.91
C ARG A 13 1.19 6.43 2.87
N GLY A 14 2.10 6.16 1.90
CA GLY A 14 3.36 6.93 1.70
C GLY A 14 4.09 6.69 0.33
N PRO A 15 5.40 7.05 0.01
CA PRO A 15 5.99 6.83 -1.35
C PRO A 15 6.64 5.42 -1.56
N GLY A 16 6.85 5.06 -2.85
CA GLY A 16 7.56 3.82 -3.25
C GLY A 16 6.58 2.66 -3.37
N CYS A 17 6.41 2.13 -4.61
CA CYS A 17 5.41 1.06 -4.90
C CYS A 17 6.07 -0.38 -4.99
N PRO A 18 6.31 -1.20 -3.90
CA PRO A 18 6.71 -2.64 -4.03
C PRO A 18 5.49 -3.60 -4.25
N THR A 19 5.79 -4.89 -4.55
CA THR A 19 4.80 -6.00 -4.54
C THR A 19 4.54 -6.50 -3.08
N VAL A 20 3.29 -6.95 -2.80
CA VAL A 20 2.84 -7.24 -1.41
C VAL A 20 2.00 -8.56 -1.32
N LYS A 21 2.01 -9.19 -0.11
CA LYS A 21 1.22 -10.40 0.29
C LYS A 21 -0.17 -10.68 -0.40
N PRO A 22 -0.74 -11.93 -0.65
CA PRO A 22 -2.16 -12.10 -1.09
C PRO A 22 -3.12 -11.85 0.12
N VAL A 24 -3.31 -8.25 1.41
CA VAL A 24 -2.90 -6.81 1.52
C VAL A 24 -3.00 -6.28 0.04
N THR A 25 -3.96 -5.38 -0.23
CA THR A 25 -4.29 -4.88 -1.58
C THR A 25 -3.94 -3.37 -1.55
N ILE A 26 -2.78 -3.14 -2.16
CA ILE A 26 -2.10 -1.83 -2.33
C ILE A 26 -2.85 -0.84 -3.30
N ARG A 27 -2.51 0.47 -3.23
CA ARG A 27 -2.92 1.47 -4.25
C ARG A 27 -1.75 2.43 -4.37
N CYS A 28 -1.09 2.25 -5.50
CA CYS A 28 -0.01 3.14 -5.97
C CYS A 28 -0.72 4.18 -6.88
N GLU A 29 -1.13 5.30 -6.25
CA GLU A 29 -2.09 6.29 -6.83
C GLU A 29 -1.45 7.11 -7.95
N SER A 1 3.89 9.03 -7.36
CA SER A 1 3.53 7.66 -6.95
C SER A 1 3.37 7.58 -5.42
N LYS A 2 2.21 7.08 -4.96
CA LYS A 2 1.89 6.89 -3.50
C LYS A 2 1.14 5.55 -3.33
N TYR A 3 1.67 4.66 -2.47
CA TYR A 3 1.00 3.38 -2.10
C TYR A 3 0.09 3.59 -0.87
N GLU A 4 -1.13 3.03 -0.91
CA GLU A 4 -2.04 2.95 0.26
C GLU A 4 -2.25 1.43 0.44
N TYR A 5 -1.43 0.80 1.34
CA TYR A 5 -1.46 -0.66 1.57
C TYR A 5 -1.95 -0.87 3.01
N THR A 6 -3.03 -1.65 3.09
CA THR A 6 -3.84 -1.79 4.32
C THR A 6 -3.51 -3.19 4.95
N ILE A 7 -3.28 -3.22 6.28
CA ILE A 7 -2.72 -4.41 6.97
C ILE A 7 -3.62 -4.46 8.27
N SER A 9 -6.07 -3.49 11.22
CA SER A 9 -6.69 -2.19 11.56
C SER A 9 -6.10 -0.93 10.87
N TYR A 10 -4.88 -0.98 10.26
CA TYR A 10 -4.15 0.21 9.78
C TYR A 10 -4.25 0.34 8.23
N THR A 11 -4.39 1.60 7.76
CA THR A 11 -4.21 1.98 6.35
C THR A 11 -2.83 2.68 6.39
N PHE A 12 -1.80 1.97 5.88
CA PHE A 12 -0.40 2.49 5.85
C PHE A 12 -0.25 3.16 4.47
N ARG A 13 -0.14 4.51 4.43
CA ARG A 13 -0.20 5.30 3.16
C ARG A 13 1.13 6.11 3.09
N GLY A 14 1.97 5.84 2.06
CA GLY A 14 3.32 6.44 1.93
C GLY A 14 4.01 6.35 0.51
N PRO A 15 5.12 7.09 0.10
CA PRO A 15 5.64 7.04 -1.30
C PRO A 15 6.56 5.79 -1.60
N GLY A 16 6.68 5.48 -2.91
CA GLY A 16 7.54 4.37 -3.43
C GLY A 16 6.85 3.01 -3.30
N CYS A 17 6.17 2.55 -4.36
CA CYS A 17 5.23 1.39 -4.33
C CYS A 17 5.93 -0.04 -4.22
N PRO A 18 5.91 -0.83 -3.08
CA PRO A 18 6.38 -2.24 -3.07
C PRO A 18 5.33 -3.26 -3.63
N THR A 19 5.77 -4.52 -3.86
CA THR A 19 4.89 -5.68 -4.16
C THR A 19 4.33 -6.31 -2.84
N VAL A 20 3.10 -6.88 -2.92
CA VAL A 20 2.31 -7.32 -1.73
C VAL A 20 2.02 -8.86 -1.75
N LYS A 21 1.94 -9.46 -0.55
CA LYS A 21 1.58 -10.89 -0.33
C LYS A 21 0.02 -11.15 -0.33
N PRO A 22 -0.63 -12.39 -0.41
CA PRO A 22 -2.11 -12.53 -0.45
C PRO A 22 -2.75 -12.19 0.93
N VAL A 24 -2.91 -8.51 1.93
CA VAL A 24 -2.59 -7.06 1.76
C VAL A 24 -2.86 -6.73 0.24
N THR A 25 -3.64 -5.67 -0.02
CA THR A 25 -4.00 -5.21 -1.38
C THR A 25 -3.88 -3.68 -1.43
N ILE A 26 -2.81 -3.36 -2.14
CA ILE A 26 -2.23 -2.00 -2.32
C ILE A 26 -3.09 -1.05 -3.22
N ARG A 27 -2.86 0.27 -3.08
CA ARG A 27 -3.36 1.30 -4.04
C ARG A 27 -2.16 2.25 -4.28
N CYS A 28 -1.49 1.90 -5.37
CA CYS A 28 -0.42 2.73 -5.98
C CYS A 28 -1.12 3.59 -7.07
N GLU A 29 -1.07 4.93 -6.88
CA GLU A 29 -1.90 5.91 -7.65
C GLU A 29 -1.89 5.77 -9.20
N SER A 1 3.69 9.19 -7.32
CA SER A 1 3.20 7.85 -6.94
C SER A 1 3.21 7.70 -5.41
N LYS A 2 2.07 7.26 -4.84
CA LYS A 2 1.92 6.97 -3.38
C LYS A 2 1.16 5.64 -3.20
N TYR A 3 1.71 4.73 -2.36
CA TYR A 3 1.04 3.45 -1.99
C TYR A 3 0.11 3.66 -0.76
N GLU A 4 -1.06 3.02 -0.78
CA GLU A 4 -1.95 2.92 0.40
C GLU A 4 -2.14 1.39 0.53
N TYR A 5 -1.40 0.75 1.47
CA TYR A 5 -1.50 -0.70 1.74
C TYR A 5 -2.07 -0.83 3.15
N THR A 6 -3.18 -1.57 3.21
CA THR A 6 -4.05 -1.64 4.41
C THR A 6 -3.83 -3.04 5.05
N ILE A 7 -3.60 -3.07 6.38
CA ILE A 7 -3.12 -4.30 7.08
C ILE A 7 -4.03 -4.28 8.37
N SER A 9 -6.50 -3.14 11.25
CA SER A 9 -7.05 -1.80 11.57
C SER A 9 -6.39 -0.59 10.87
N TYR A 10 -5.16 -0.70 10.30
CA TYR A 10 -4.38 0.46 9.81
C TYR A 10 -4.50 0.60 8.28
N THR A 11 -4.62 1.88 7.82
CA THR A 11 -4.45 2.27 6.40
C THR A 11 -3.05 2.94 6.44
N PHE A 12 -2.02 2.21 5.98
CA PHE A 12 -0.61 2.70 5.97
C PHE A 12 -0.40 3.35 4.58
N ARG A 13 -0.12 4.68 4.53
CA ARG A 13 -0.17 5.46 3.25
C ARG A 13 1.07 6.37 3.17
N GLY A 14 1.87 6.25 2.09
CA GLY A 14 3.07 7.11 1.85
C GLY A 14 3.77 6.92 0.45
N PRO A 15 5.09 7.24 0.14
CA PRO A 15 5.67 7.05 -1.23
C PRO A 15 6.29 5.63 -1.48
N GLY A 16 6.48 5.27 -2.77
CA GLY A 16 7.17 4.04 -3.20
C GLY A 16 6.21 2.85 -3.23
N CYS A 17 5.93 2.31 -4.43
CA CYS A 17 4.94 1.22 -4.63
C CYS A 17 5.63 -0.21 -4.72
N PRO A 18 5.89 -1.02 -3.62
CA PRO A 18 6.34 -2.44 -3.73
C PRO A 18 5.17 -3.45 -4.00
N THR A 19 5.52 -4.73 -4.28
CA THR A 19 4.58 -5.88 -4.33
C THR A 19 4.11 -6.32 -2.90
N VAL A 20 2.92 -7.00 -2.84
CA VAL A 20 2.22 -7.29 -1.56
C VAL A 20 1.71 -8.78 -1.49
N LYS A 21 1.57 -9.28 -0.24
CA LYS A 21 1.14 -10.65 0.10
C LYS A 21 -0.34 -11.06 -0.29
N PRO A 22 -0.81 -12.37 -0.32
CA PRO A 22 -2.25 -12.72 -0.48
C PRO A 22 -3.03 -12.40 0.84
N VAL A 24 -3.03 -8.64 1.98
CA VAL A 24 -2.65 -7.20 1.84
C VAL A 24 -2.80 -6.87 0.31
N THR A 25 -3.58 -5.81 0.00
CA THR A 25 -3.90 -5.39 -1.38
C THR A 25 -3.73 -3.85 -1.34
N ILE A 26 -2.63 -3.46 -1.99
CA ILE A 26 -2.13 -2.07 -2.16
C ILE A 26 -3.02 -1.19 -3.10
N ARG A 27 -2.84 0.15 -3.04
CA ARG A 27 -3.39 1.11 -4.02
C ARG A 27 -2.23 2.11 -4.21
N CYS A 28 -1.66 1.96 -5.39
CA CYS A 28 -0.68 2.91 -5.95
C CYS A 28 -1.44 3.83 -6.92
N GLU A 29 -1.36 5.16 -6.69
CA GLU A 29 -2.25 6.17 -7.35
C GLU A 29 -2.30 6.14 -8.91
N SER A 1 3.32 9.43 -7.43
CA SER A 1 2.91 8.06 -7.10
C SER A 1 3.14 7.79 -5.59
N LYS A 2 2.08 7.29 -4.91
CA LYS A 2 2.12 6.97 -3.45
C LYS A 2 1.33 5.65 -3.19
N TYR A 3 1.94 4.71 -2.44
CA TYR A 3 1.33 3.40 -2.08
C TYR A 3 0.44 3.55 -0.83
N GLU A 4 -0.76 2.94 -0.85
CA GLU A 4 -1.64 2.82 0.33
C GLU A 4 -1.75 1.27 0.45
N TYR A 5 -0.95 0.67 1.37
CA TYR A 5 -0.97 -0.78 1.65
C TYR A 5 -1.59 -0.90 3.04
N THR A 6 -2.68 -1.68 3.08
CA THR A 6 -3.57 -1.76 4.25
C THR A 6 -3.32 -3.15 4.90
N ILE A 7 -3.11 -3.13 6.24
CA ILE A 7 -2.59 -4.31 6.98
C ILE A 7 -3.69 -4.43 8.13
N SER A 9 -6.57 -3.46 10.33
CA SER A 9 -7.43 -2.24 10.44
C SER A 9 -6.65 -0.90 10.23
N TYR A 10 -5.35 -0.95 9.85
CA TYR A 10 -4.45 0.23 9.85
C TYR A 10 -4.05 0.52 8.39
N THR A 11 -4.28 1.76 7.92
CA THR A 11 -3.99 2.18 6.53
C THR A 11 -2.58 2.84 6.58
N PHE A 12 -1.63 2.22 5.87
CA PHE A 12 -0.22 2.73 5.81
C PHE A 12 -0.07 3.35 4.41
N ARG A 13 0.12 4.69 4.34
CA ARG A 13 0.06 5.46 3.05
C ARG A 13 1.37 6.30 2.98
N GLY A 14 2.22 6.06 1.96
CA GLY A 14 3.51 6.80 1.77
C GLY A 14 4.16 6.69 0.32
N PRO A 15 5.46 7.05 -0.04
CA PRO A 15 5.95 6.96 -1.46
C PRO A 15 6.60 5.58 -1.82
N GLY A 16 6.74 5.30 -3.14
CA GLY A 16 7.32 4.03 -3.66
C GLY A 16 6.20 3.01 -3.89
N CYS A 17 6.16 2.43 -5.10
CA CYS A 17 5.15 1.37 -5.46
C CYS A 17 5.76 -0.10 -5.34
N PRO A 18 5.81 -0.82 -4.16
CA PRO A 18 6.12 -2.28 -4.12
C PRO A 18 4.88 -3.18 -4.47
N THR A 19 5.08 -4.51 -4.55
CA THR A 19 3.97 -5.53 -4.61
C THR A 19 3.89 -6.26 -3.23
N VAL A 20 2.68 -6.77 -2.90
CA VAL A 20 2.29 -7.24 -1.53
C VAL A 20 1.84 -8.75 -1.54
N LYS A 21 1.87 -9.38 -0.34
CA LYS A 21 1.42 -10.77 -0.09
C LYS A 21 -0.15 -10.95 0.00
N PRO A 22 -0.85 -12.16 -0.10
CA PRO A 22 -2.35 -12.27 -0.02
C PRO A 22 -2.92 -11.86 1.36
N VAL A 24 -3.04 -8.38 2.40
CA VAL A 24 -2.60 -6.96 2.11
C VAL A 24 -2.75 -6.78 0.55
N THR A 25 -3.36 -5.66 0.12
CA THR A 25 -3.62 -5.33 -1.29
C THR A 25 -3.38 -3.80 -1.35
N ILE A 26 -2.26 -3.48 -2.01
CA ILE A 26 -1.71 -2.12 -2.24
C ILE A 26 -2.56 -1.30 -3.28
N ARG A 27 -2.38 0.04 -3.26
CA ARG A 27 -2.90 0.97 -4.30
C ARG A 27 -1.82 2.05 -4.34
N CYS A 28 -1.21 2.08 -5.51
CA CYS A 28 -0.27 3.16 -5.91
C CYS A 28 -1.08 4.11 -6.81
N GLU A 29 -1.36 5.32 -6.29
CA GLU A 29 -2.32 6.29 -6.89
C GLU A 29 -1.61 7.11 -7.98
N SER A 1 3.51 8.91 -7.64
CA SER A 1 3.23 7.53 -7.18
C SER A 1 3.36 7.46 -5.65
N LYS A 2 2.32 6.92 -4.98
CA LYS A 2 2.28 6.77 -3.49
C LYS A 2 1.47 5.47 -3.22
N TYR A 3 2.02 4.57 -2.36
CA TYR A 3 1.35 3.31 -1.96
C TYR A 3 0.37 3.55 -0.79
N GLU A 4 -0.82 2.94 -0.86
CA GLU A 4 -1.79 2.86 0.26
C GLU A 4 -1.93 1.32 0.42
N TYR A 5 -1.21 0.74 1.42
CA TYR A 5 -1.22 -0.72 1.69
C TYR A 5 -1.82 -0.87 3.09
N THR A 6 -2.90 -1.66 3.12
CA THR A 6 -3.78 -1.78 4.29
C THR A 6 -3.51 -3.17 4.92
N ILE A 7 -3.41 -3.20 6.26
CA ILE A 7 -2.89 -4.38 7.00
C ILE A 7 -3.98 -4.51 8.14
N SER A 9 -6.87 -3.58 10.40
CA SER A 9 -7.74 -2.37 10.51
C SER A 9 -6.97 -1.03 10.32
N TYR A 10 -5.68 -1.07 9.87
CA TYR A 10 -4.78 0.11 9.88
C TYR A 10 -4.35 0.40 8.42
N THR A 11 -4.56 1.64 7.95
CA THR A 11 -4.25 2.05 6.55
C THR A 11 -2.85 2.71 6.63
N PHE A 12 -1.86 2.04 6.03
CA PHE A 12 -0.44 2.53 6.02
C PHE A 12 -0.22 3.11 4.62
N ARG A 13 0.10 4.43 4.51
CA ARG A 13 0.09 5.15 3.21
C ARG A 13 1.31 6.11 3.14
N GLY A 14 2.15 5.99 2.09
CA GLY A 14 3.33 6.86 1.88
C GLY A 14 4.01 6.76 0.45
N PRO A 15 5.32 7.09 0.14
CA PRO A 15 5.87 7.00 -1.25
C PRO A 15 6.43 5.58 -1.62
N GLY A 16 6.56 5.31 -2.94
CA GLY A 16 7.13 4.05 -3.47
C GLY A 16 6.02 3.00 -3.63
N CYS A 17 5.79 2.54 -4.87
CA CYS A 17 4.73 1.54 -5.19
C CYS A 17 5.32 0.07 -5.35
N PRO A 18 5.57 -0.80 -4.30
CA PRO A 18 5.88 -2.24 -4.48
C PRO A 18 4.59 -3.13 -4.70
N THR A 19 4.78 -4.42 -5.04
CA THR A 19 3.69 -5.46 -5.03
C THR A 19 3.69 -6.19 -3.64
N VAL A 20 2.53 -6.79 -3.28
CA VAL A 20 2.22 -7.28 -1.89
C VAL A 20 1.78 -8.79 -1.88
N LYS A 21 1.92 -9.42 -0.69
CA LYS A 21 1.58 -10.83 -0.41
C LYS A 21 0.00 -11.13 -0.32
N PRO A 22 -0.61 -12.33 -0.01
CA PRO A 22 -2.09 -12.53 0.02
C PRO A 22 -2.69 -12.08 1.39
N VAL A 24 -2.89 -8.51 2.34
CA VAL A 24 -2.52 -7.08 2.08
C VAL A 24 -2.71 -6.85 0.54
N THR A 25 -3.35 -5.72 0.17
CA THR A 25 -3.69 -5.38 -1.22
C THR A 25 -3.46 -3.84 -1.28
N ILE A 26 -2.36 -3.51 -1.96
CA ILE A 26 -1.84 -2.14 -2.21
C ILE A 26 -2.72 -1.32 -3.21
N ARG A 27 -2.53 0.01 -3.22
CA ARG A 27 -3.07 0.94 -4.22
C ARG A 27 -1.93 1.96 -4.38
N CYS A 28 -1.53 2.06 -5.63
CA CYS A 28 -0.60 3.12 -6.11
C CYS A 28 -1.45 4.28 -6.68
N GLU A 29 -1.25 5.50 -6.14
CA GLU A 29 -2.10 6.68 -6.39
C GLU A 29 -1.66 7.37 -7.70
N SER A 1 3.55 8.48 -7.90
CA SER A 1 3.29 7.15 -7.30
C SER A 1 3.28 7.27 -5.76
N LYS A 2 2.19 6.78 -5.13
CA LYS A 2 2.02 6.78 -3.64
C LYS A 2 1.20 5.50 -3.30
N TYR A 3 1.72 4.67 -2.37
CA TYR A 3 1.04 3.43 -1.91
C TYR A 3 0.04 3.74 -0.76
N GLU A 4 -1.12 3.07 -0.80
CA GLU A 4 -2.07 3.02 0.36
C GLU A 4 -2.22 1.48 0.53
N TYR A 5 -1.43 0.88 1.47
CA TYR A 5 -1.41 -0.58 1.72
C TYR A 5 -1.91 -0.77 3.14
N THR A 6 -2.95 -1.59 3.23
CA THR A 6 -3.77 -1.76 4.45
C THR A 6 -3.44 -3.16 5.02
N ILE A 7 -3.24 -3.22 6.36
CA ILE A 7 -2.66 -4.40 7.03
C ILE A 7 -3.67 -4.59 8.24
N SER A 9 -6.46 -3.78 10.66
CA SER A 9 -7.34 -2.59 10.84
C SER A 9 -6.62 -1.23 10.62
N TYR A 10 -5.35 -1.23 10.12
CA TYR A 10 -4.50 -0.02 10.09
C TYR A 10 -4.16 0.30 8.61
N THR A 11 -4.41 1.55 8.17
CA THR A 11 -4.18 2.00 6.78
C THR A 11 -2.79 2.69 6.81
N PHE A 12 -1.82 2.05 6.14
CA PHE A 12 -0.42 2.56 6.06
C PHE A 12 -0.28 3.19 4.65
N ARG A 13 0.01 4.50 4.55
CA ARG A 13 -0.08 5.24 3.25
C ARG A 13 1.14 6.18 3.15
N GLY A 14 1.97 6.01 2.09
CA GLY A 14 3.21 6.80 1.89
C GLY A 14 3.94 6.67 0.49
N PRO A 15 5.09 7.34 0.11
CA PRO A 15 5.66 7.24 -1.27
C PRO A 15 6.55 5.96 -1.51
N GLY A 16 6.72 5.61 -2.81
CA GLY A 16 7.51 4.44 -3.26
C GLY A 16 6.71 3.14 -3.14
N CYS A 17 6.08 2.68 -4.24
CA CYS A 17 5.05 1.60 -4.21
C CYS A 17 5.60 0.18 -4.65
N PRO A 18 6.04 -0.80 -3.76
CA PRO A 18 6.41 -2.18 -4.17
C PRO A 18 5.18 -3.16 -4.31
N THR A 19 5.46 -4.43 -4.71
CA THR A 19 4.49 -5.56 -4.69
C THR A 19 4.02 -5.97 -3.26
N VAL A 20 2.86 -6.70 -3.17
CA VAL A 20 2.26 -7.13 -1.87
C VAL A 20 1.81 -8.64 -1.91
N LYS A 21 1.81 -9.28 -0.72
CA LYS A 21 1.41 -10.69 -0.51
C LYS A 21 -0.15 -10.91 -0.38
N PRO A 22 -0.83 -12.13 -0.49
CA PRO A 22 -2.31 -12.28 -0.32
C PRO A 22 -2.78 -11.92 1.11
N VAL A 24 -2.76 -8.35 2.24
CA VAL A 24 -2.38 -6.90 2.05
C VAL A 24 -2.63 -6.64 0.52
N THR A 25 -3.46 -5.61 0.21
CA THR A 25 -3.85 -5.25 -1.16
C THR A 25 -3.67 -3.71 -1.22
N ILE A 26 -2.61 -3.35 -1.92
CA ILE A 26 -2.09 -1.99 -2.14
C ILE A 26 -2.98 -1.13 -3.11
N ARG A 27 -2.80 0.21 -3.06
CA ARG A 27 -3.31 1.14 -4.09
C ARG A 27 -2.12 2.10 -4.27
N CYS A 28 -1.48 1.86 -5.40
CA CYS A 28 -0.39 2.70 -5.94
C CYS A 28 -1.04 3.70 -6.91
N GLU A 29 -1.01 4.98 -6.51
CA GLU A 29 -1.80 6.09 -7.15
C GLU A 29 -1.19 6.50 -8.49
N SER A 1 4.12 8.75 -7.72
CA SER A 1 3.62 7.44 -7.27
C SER A 1 3.61 7.41 -5.72
N LYS A 2 2.46 7.02 -5.14
CA LYS A 2 2.26 6.91 -3.65
C LYS A 2 1.41 5.65 -3.37
N TYR A 3 1.91 4.75 -2.48
CA TYR A 3 1.19 3.51 -2.09
C TYR A 3 0.25 3.76 -0.89
N GLU A 4 -0.95 3.15 -0.93
CA GLU A 4 -1.87 3.08 0.23
C GLU A 4 -2.09 1.55 0.38
N TYR A 5 -1.34 0.91 1.31
CA TYR A 5 -1.44 -0.55 1.58
C TYR A 5 -2.05 -0.66 2.98
N THR A 6 -3.18 -1.36 3.03
CA THR A 6 -4.06 -1.40 4.21
C THR A 6 -3.89 -2.81 4.87
N ILE A 7 -3.66 -2.84 6.19
CA ILE A 7 -3.22 -4.07 6.90
C ILE A 7 -4.15 -4.02 8.18
N SER A 9 -6.58 -2.79 11.05
CA SER A 9 -7.10 -1.44 11.37
C SER A 9 -6.42 -0.24 10.65
N TYR A 10 -5.18 -0.39 10.09
CA TYR A 10 -4.38 0.76 9.59
C TYR A 10 -4.49 0.88 8.05
N THR A 11 -4.56 2.15 7.58
CA THR A 11 -4.38 2.52 6.15
C THR A 11 -2.98 3.16 6.18
N PHE A 12 -1.96 2.37 5.76
CA PHE A 12 -0.53 2.80 5.80
C PHE A 12 -0.24 3.42 4.40
N ARG A 13 -0.06 4.75 4.35
CA ARG A 13 -0.04 5.52 3.06
C ARG A 13 1.28 6.33 3.01
N GLY A 14 2.16 6.06 2.01
CA GLY A 14 3.49 6.70 1.88
C GLY A 14 4.22 6.50 0.49
N PRO A 15 5.37 7.19 0.08
CA PRO A 15 5.94 7.04 -1.30
C PRO A 15 6.81 5.75 -1.50
N GLY A 16 7.01 5.37 -2.78
CA GLY A 16 7.83 4.21 -3.21
C GLY A 16 7.06 2.88 -3.06
N CYS A 17 6.44 2.40 -4.15
CA CYS A 17 5.45 1.29 -4.13
C CYS A 17 6.10 -0.14 -4.04
N PRO A 18 6.08 -0.95 -2.89
CA PRO A 18 6.51 -2.37 -2.89
C PRO A 18 5.43 -3.37 -3.44
N THR A 19 5.83 -4.66 -3.62
CA THR A 19 4.91 -5.80 -3.88
C THR A 19 4.25 -6.30 -2.54
N VAL A 20 3.03 -6.91 -2.65
CA VAL A 20 2.17 -7.22 -1.46
C VAL A 20 1.68 -8.71 -1.46
N LYS A 21 1.44 -9.21 -0.22
CA LYS A 21 0.98 -10.59 0.09
C LYS A 21 -0.49 -10.95 -0.37
N PRO A 22 -0.99 -12.25 -0.43
CA PRO A 22 -2.44 -12.56 -0.64
C PRO A 22 -3.26 -12.22 0.65
N VAL A 24 -3.19 -8.44 1.77
CA VAL A 24 -2.78 -7.00 1.66
C VAL A 24 -2.89 -6.65 0.13
N THR A 25 -3.70 -5.63 -0.20
CA THR A 25 -3.98 -5.21 -1.58
C THR A 25 -3.77 -3.67 -1.55
N ILE A 26 -2.65 -3.32 -2.17
CA ILE A 26 -2.10 -1.95 -2.33
C ILE A 26 -2.93 -1.04 -3.31
N ARG A 27 -2.71 0.28 -3.22
CA ARG A 27 -3.16 1.27 -4.24
C ARG A 27 -1.97 2.24 -4.37
N CYS A 28 -1.26 1.98 -5.46
CA CYS A 28 -0.16 2.84 -5.97
C CYS A 28 -0.81 3.76 -7.03
N GLU A 29 -0.99 5.03 -6.62
CA GLU A 29 -1.81 6.04 -7.36
C GLU A 29 -1.03 6.62 -8.54
N SER A 1 3.60 9.06 -7.52
CA SER A 1 3.17 7.71 -7.10
C SER A 1 3.32 7.57 -5.57
N LYS A 2 2.23 7.14 -4.90
CA LYS A 2 2.18 6.94 -3.42
C LYS A 2 1.36 5.66 -3.13
N TYR A 3 1.95 4.69 -2.40
CA TYR A 3 1.34 3.38 -2.07
C TYR A 3 0.44 3.50 -0.82
N GLU A 4 -0.81 3.02 -0.90
CA GLU A 4 -1.73 2.93 0.27
C GLU A 4 -1.92 1.40 0.45
N TYR A 5 -1.09 0.78 1.32
CA TYR A 5 -1.15 -0.68 1.60
C TYR A 5 -1.73 -0.81 3.00
N THR A 6 -2.83 -1.56 3.06
CA THR A 6 -3.69 -1.66 4.25
C THR A 6 -3.46 -3.07 4.85
N ILE A 7 -3.25 -3.11 6.17
CA ILE A 7 -2.75 -4.32 6.87
C ILE A 7 -3.80 -4.43 8.05
N SER A 9 -6.59 -3.42 10.34
CA SER A 9 -7.42 -2.20 10.48
C SER A 9 -6.63 -0.86 10.22
N TYR A 10 -5.34 -0.94 9.83
CA TYR A 10 -4.43 0.22 9.77
C TYR A 10 -4.08 0.51 8.30
N THR A 11 -4.30 1.75 7.83
CA THR A 11 -4.02 2.17 6.43
C THR A 11 -2.63 2.85 6.49
N PHE A 12 -1.67 2.24 5.79
CA PHE A 12 -0.27 2.75 5.74
C PHE A 12 -0.13 3.41 4.33
N ARG A 13 0.03 4.75 4.29
CA ARG A 13 -0.04 5.54 3.02
C ARG A 13 1.26 6.41 2.98
N GLY A 14 2.10 6.23 1.94
CA GLY A 14 3.34 7.03 1.75
C GLY A 14 4.07 6.86 0.35
N PRO A 15 5.39 7.20 0.05
CA PRO A 15 5.97 7.00 -1.31
C PRO A 15 6.67 5.60 -1.54
N GLY A 16 6.86 5.22 -2.82
CA GLY A 16 7.63 4.02 -3.22
C GLY A 16 6.73 2.78 -3.21
N CYS A 17 6.48 2.20 -4.40
CA CYS A 17 5.47 1.11 -4.58
C CYS A 17 6.11 -0.35 -4.53
N PRO A 18 6.16 -1.16 -3.40
CA PRO A 18 6.55 -2.60 -3.43
C PRO A 18 5.35 -3.56 -3.82
N THR A 19 5.65 -4.87 -3.97
CA THR A 19 4.62 -5.95 -4.10
C THR A 19 4.04 -6.36 -2.71
N VAL A 20 2.82 -6.99 -2.71
CA VAL A 20 2.03 -7.24 -1.47
C VAL A 20 1.42 -8.69 -1.42
N LYS A 21 1.20 -9.15 -0.16
CA LYS A 21 0.62 -10.47 0.20
C LYS A 21 -0.86 -10.73 -0.30
N PRO A 22 -1.47 -11.99 -0.46
CA PRO A 22 -2.93 -12.16 -0.69
C PRO A 22 -3.72 -11.81 0.61
N VAL A 24 -3.41 -8.12 1.87
CA VAL A 24 -2.88 -6.72 1.78
C VAL A 24 -3.00 -6.34 0.26
N THR A 25 -3.74 -5.27 -0.05
CA THR A 25 -4.05 -4.83 -1.42
C THR A 25 -3.72 -3.31 -1.42
N ILE A 26 -2.59 -3.04 -2.06
CA ILE A 26 -1.96 -1.71 -2.25
C ILE A 26 -2.75 -0.73 -3.19
N ARG A 27 -2.43 0.58 -3.11
CA ARG A 27 -2.90 1.59 -4.09
C ARG A 27 -1.75 2.59 -4.26
N CYS A 28 -1.07 2.34 -5.37
CA CYS A 28 0.01 3.19 -5.89
C CYS A 28 -0.71 4.12 -6.92
N GLU A 29 -1.15 5.30 -6.41
CA GLU A 29 -2.12 6.20 -7.10
C GLU A 29 -1.48 6.90 -8.31
N SER A 1 3.79 8.45 -7.78
CA SER A 1 3.35 7.12 -7.34
C SER A 1 3.51 7.00 -5.81
N LYS A 2 2.41 6.62 -5.11
CA LYS A 2 2.37 6.47 -3.62
C LYS A 2 1.48 5.25 -3.27
N TYR A 3 1.96 4.35 -2.37
CA TYR A 3 1.22 3.13 -1.96
C TYR A 3 0.19 3.43 -0.85
N GLU A 4 -1.03 2.90 -0.97
CA GLU A 4 -2.01 2.91 0.15
C GLU A 4 -2.29 1.40 0.37
N TYR A 5 -1.57 0.78 1.36
CA TYR A 5 -1.69 -0.66 1.66
C TYR A 5 -2.28 -0.76 3.07
N THR A 6 -3.40 -1.46 3.12
CA THR A 6 -4.29 -1.51 4.30
C THR A 6 -4.11 -2.90 4.96
N ILE A 7 -3.90 -2.92 6.29
CA ILE A 7 -3.47 -4.14 7.02
C ILE A 7 -4.42 -4.08 8.28
N SER A 9 -6.93 -2.81 11.06
CA SER A 9 -7.47 -1.45 11.33
C SER A 9 -6.77 -0.26 10.60
N TYR A 10 -5.52 -0.41 10.08
CA TYR A 10 -4.71 0.73 9.58
C TYR A 10 -4.79 0.83 8.03
N THR A 11 -4.85 2.09 7.54
CA THR A 11 -4.65 2.43 6.11
C THR A 11 -3.23 3.08 6.16
N PHE A 12 -2.21 2.29 5.75
CA PHE A 12 -0.78 2.74 5.82
C PHE A 12 -0.47 3.32 4.42
N ARG A 13 -0.29 4.66 4.32
CA ARG A 13 -0.23 5.40 3.03
C ARG A 13 1.06 6.25 3.01
N GLY A 14 1.94 6.03 2.00
CA GLY A 14 3.25 6.74 1.89
C GLY A 14 4.03 6.55 0.52
N PRO A 15 5.18 7.23 0.14
CA PRO A 15 5.79 7.08 -1.21
C PRO A 15 6.69 5.80 -1.35
N GLY A 16 6.93 5.39 -2.62
CA GLY A 16 7.75 4.20 -2.97
C GLY A 16 6.90 2.92 -2.92
N CYS A 17 6.35 2.48 -4.08
CA CYS A 17 5.30 1.43 -4.12
C CYS A 17 5.84 0.03 -4.63
N PRO A 18 6.33 -0.96 -3.78
CA PRO A 18 6.68 -2.34 -4.24
C PRO A 18 5.44 -3.31 -4.30
N THR A 19 5.68 -4.58 -4.74
CA THR A 19 4.70 -5.71 -4.64
C THR A 19 4.48 -6.16 -3.17
N VAL A 20 3.24 -6.63 -2.85
CA VAL A 20 2.89 -7.08 -1.46
C VAL A 20 2.00 -8.39 -1.49
N LYS A 21 1.84 -9.01 -0.29
CA LYS A 21 1.22 -10.34 -0.07
C LYS A 21 -0.24 -10.60 -0.61
N PRO A 22 -0.78 -11.88 -0.79
CA PRO A 22 -2.21 -12.13 -1.09
C PRO A 22 -3.07 -11.94 0.21
N VAL A 24 -3.20 -8.40 1.67
CA VAL A 24 -2.80 -6.95 1.75
C VAL A 24 -2.94 -6.43 0.27
N THR A 25 -3.91 -5.55 0.01
CA THR A 25 -4.28 -5.07 -1.33
C THR A 25 -3.98 -3.54 -1.34
N ILE A 26 -2.84 -3.28 -1.97
CA ILE A 26 -2.19 -1.97 -2.19
C ILE A 26 -2.95 -1.04 -3.21
N ARG A 27 -2.63 0.27 -3.19
CA ARG A 27 -3.03 1.21 -4.27
C ARG A 27 -1.80 2.09 -4.46
N CYS A 28 -1.14 1.81 -5.57
CA CYS A 28 -0.05 2.67 -6.09
C CYS A 28 -0.75 3.60 -7.11
N GLU A 29 -1.07 4.81 -6.61
CA GLU A 29 -2.01 5.78 -7.25
C GLU A 29 -1.37 6.44 -8.49
N SER A 1 3.86 9.00 -7.32
CA SER A 1 3.38 7.67 -6.94
C SER A 1 3.52 7.49 -5.41
N LYS A 2 2.42 7.07 -4.76
CA LYS A 2 2.36 6.84 -3.28
C LYS A 2 1.54 5.55 -3.00
N TYR A 3 2.11 4.62 -2.19
CA TYR A 3 1.46 3.34 -1.84
C TYR A 3 0.52 3.52 -0.61
N GLU A 4 -0.70 2.99 -0.72
CA GLU A 4 -1.63 2.86 0.44
C GLU A 4 -1.77 1.32 0.54
N TYR A 5 -1.02 0.69 1.48
CA TYR A 5 -1.08 -0.77 1.74
C TYR A 5 -1.72 -0.92 3.12
N THR A 6 -2.82 -1.67 3.13
CA THR A 6 -3.73 -1.76 4.28
C THR A 6 -3.51 -3.16 4.91
N ILE A 7 -3.37 -3.19 6.25
CA ILE A 7 -2.89 -4.39 6.99
C ILE A 7 -4.00 -4.51 8.11
N SER A 9 -6.88 -3.52 10.32
CA SER A 9 -7.71 -2.28 10.43
C SER A 9 -6.91 -0.96 10.25
N TYR A 10 -5.61 -1.02 9.85
CA TYR A 10 -4.69 0.13 9.87
C TYR A 10 -4.26 0.44 8.42
N THR A 11 -4.47 1.69 7.96
CA THR A 11 -4.14 2.12 6.58
C THR A 11 -2.74 2.77 6.67
N PHE A 12 -1.76 2.11 6.03
CA PHE A 12 -0.34 2.57 6.02
C PHE A 12 -0.12 3.21 4.63
N ARG A 13 0.14 4.53 4.59
CA ARG A 13 0.12 5.33 3.32
C ARG A 13 1.42 6.18 3.28
N GLY A 14 2.26 6.00 2.23
CA GLY A 14 3.52 6.78 2.06
C GLY A 14 4.19 6.68 0.63
N PRO A 15 5.51 7.01 0.31
CA PRO A 15 6.04 6.93 -1.09
C PRO A 15 6.61 5.52 -1.48
N GLY A 16 6.75 5.26 -2.80
CA GLY A 16 7.32 4.02 -3.34
C GLY A 16 6.23 2.96 -3.52
N CYS A 17 5.98 2.51 -4.77
CA CYS A 17 4.91 1.53 -5.08
C CYS A 17 5.46 0.06 -5.28
N PRO A 18 5.68 -0.84 -4.24
CA PRO A 18 5.96 -2.29 -4.44
C PRO A 18 4.65 -3.13 -4.67
N THR A 19 4.82 -4.44 -4.99
CA THR A 19 3.69 -5.44 -4.98
C THR A 19 3.67 -6.20 -3.61
N VAL A 20 2.50 -6.77 -3.25
CA VAL A 20 2.19 -7.29 -1.87
C VAL A 20 1.71 -8.78 -1.90
N LYS A 21 1.83 -9.44 -0.71
CA LYS A 21 1.47 -10.85 -0.47
C LYS A 21 -0.11 -11.12 -0.42
N PRO A 22 -0.75 -12.33 -0.13
CA PRO A 22 -2.23 -12.50 -0.14
C PRO A 22 -2.85 -12.07 1.23
N VAL A 24 -3.01 -8.52 2.24
CA VAL A 24 -2.61 -7.09 2.00
C VAL A 24 -2.77 -6.84 0.46
N THR A 25 -3.38 -5.70 0.08
CA THR A 25 -3.68 -5.33 -1.30
C THR A 25 -3.44 -3.79 -1.32
N ILE A 26 -2.33 -3.46 -1.98
CA ILE A 26 -1.79 -2.09 -2.18
C ILE A 26 -2.65 -1.22 -3.17
N ARG A 27 -2.47 0.11 -3.12
CA ARG A 27 -3.01 1.08 -4.09
C ARG A 27 -1.86 2.09 -4.22
N CYS A 28 -1.44 2.18 -5.47
CA CYS A 28 -0.49 3.23 -5.92
C CYS A 28 -1.35 4.35 -6.57
N GLU A 29 -1.30 5.55 -5.95
CA GLU A 29 -2.23 6.68 -6.27
C GLU A 29 -1.62 7.51 -7.42
N SER A 1 3.45 9.21 -7.22
CA SER A 1 3.04 7.86 -6.84
C SER A 1 3.17 7.70 -5.31
N LYS A 2 2.08 7.24 -4.66
CA LYS A 2 2.03 7.01 -3.18
C LYS A 2 1.24 5.70 -2.92
N TYR A 3 1.87 4.75 -2.20
CA TYR A 3 1.29 3.42 -1.87
C TYR A 3 0.42 3.52 -0.59
N GLU A 4 -0.84 3.06 -0.67
CA GLU A 4 -1.71 2.87 0.53
C GLU A 4 -1.78 1.33 0.62
N TYR A 5 -0.93 0.72 1.50
CA TYR A 5 -0.91 -0.74 1.74
C TYR A 5 -1.53 -0.91 3.13
N THR A 6 -2.61 -1.70 3.15
CA THR A 6 -3.49 -1.82 4.34
C THR A 6 -3.23 -3.22 4.94
N ILE A 7 -3.00 -3.26 6.26
CA ILE A 7 -2.47 -4.47 6.94
C ILE A 7 -3.54 -4.62 8.11
N SER A 9 -6.36 -3.68 10.37
CA SER A 9 -7.21 -2.46 10.52
C SER A 9 -6.43 -1.13 10.33
N TYR A 10 -5.11 -1.17 9.98
CA TYR A 10 -4.22 0.00 10.01
C TYR A 10 -3.86 0.36 8.54
N THR A 11 -4.12 1.62 8.13
CA THR A 11 -3.91 2.08 6.74
C THR A 11 -2.51 2.77 6.75
N PHE A 12 -1.56 2.17 6.04
CA PHE A 12 -0.16 2.69 5.96
C PHE A 12 -0.05 3.35 4.57
N ARG A 13 0.13 4.69 4.54
CA ARG A 13 0.02 5.50 3.28
C ARG A 13 1.28 6.41 3.19
N GLY A 14 2.10 6.26 2.13
CA GLY A 14 3.31 7.08 1.90
C GLY A 14 4.00 6.95 0.49
N PRO A 15 5.32 7.31 0.16
CA PRO A 15 5.87 7.18 -1.23
C PRO A 15 6.56 5.80 -1.51
N GLY A 16 6.72 5.47 -2.81
CA GLY A 16 7.46 4.28 -3.29
C GLY A 16 6.57 3.04 -3.27
N CYS A 17 6.27 2.47 -4.46
CA CYS A 17 5.30 1.35 -4.62
C CYS A 17 5.99 -0.08 -4.62
N PRO A 18 6.12 -0.89 -3.49
CA PRO A 18 6.54 -2.32 -3.56
C PRO A 18 5.37 -3.30 -3.94
N THR A 19 5.70 -4.60 -4.14
CA THR A 19 4.71 -5.71 -4.27
C THR A 19 4.19 -6.16 -2.87
N VAL A 20 2.98 -6.80 -2.85
CA VAL A 20 2.32 -7.26 -1.58
C VAL A 20 1.75 -8.72 -1.72
N LYS A 21 1.67 -9.43 -0.57
CA LYS A 21 1.17 -10.80 -0.43
C LYS A 21 -0.42 -10.92 -0.46
N PRO A 22 -1.17 -12.09 -0.60
CA PRO A 22 -2.67 -12.11 -0.57
C PRO A 22 -3.21 -11.81 0.86
N VAL A 24 -3.04 -8.30 2.17
CA VAL A 24 -2.58 -6.88 1.96
C VAL A 24 -2.73 -6.64 0.40
N THR A 25 -3.46 -5.56 0.04
CA THR A 25 -3.67 -5.14 -1.36
C THR A 25 -3.58 -3.61 -1.41
N ILE A 26 -2.50 -3.26 -2.07
CA ILE A 26 -1.94 -1.89 -2.22
C ILE A 26 -2.79 -0.96 -3.15
N ARG A 27 -2.63 0.37 -3.00
CA ARG A 27 -3.15 1.38 -3.95
C ARG A 27 -2.02 2.44 -4.06
N CYS A 28 -1.38 2.29 -5.20
CA CYS A 28 -0.30 3.17 -5.68
C CYS A 28 -1.01 4.14 -6.66
N GLU A 29 -1.32 5.36 -6.15
CA GLU A 29 -2.23 6.34 -6.81
C GLU A 29 -1.47 7.11 -7.91
N SER A 1 3.58 9.48 -7.16
CA SER A 1 3.13 8.09 -6.93
C SER A 1 3.37 7.72 -5.44
N LYS A 2 2.29 7.26 -4.77
CA LYS A 2 2.34 6.84 -3.33
C LYS A 2 1.54 5.51 -3.15
N TYR A 3 2.06 4.59 -2.29
CA TYR A 3 1.37 3.33 -1.91
C TYR A 3 0.42 3.59 -0.72
N GLU A 4 -0.79 3.02 -0.79
CA GLU A 4 -1.75 2.98 0.36
C GLU A 4 -2.00 1.46 0.49
N TYR A 5 -1.33 0.79 1.46
CA TYR A 5 -1.48 -0.66 1.72
C TYR A 5 -2.10 -0.79 3.11
N THR A 6 -3.24 -1.49 3.14
CA THR A 6 -4.13 -1.53 4.32
C THR A 6 -3.97 -2.93 4.97
N ILE A 7 -3.78 -2.96 6.31
CA ILE A 7 -3.36 -4.19 7.03
C ILE A 7 -4.33 -4.14 8.29
N SER A 9 -6.85 -2.92 11.09
CA SER A 9 -7.37 -1.56 11.39
C SER A 9 -6.64 -0.37 10.71
N TYR A 10 -5.40 -0.53 10.18
CA TYR A 10 -4.56 0.60 9.73
C TYR A 10 -4.61 0.74 8.18
N THR A 11 -4.64 2.01 7.71
CA THR A 11 -4.39 2.38 6.30
C THR A 11 -2.96 2.98 6.40
N PHE A 12 -1.96 2.19 5.97
CA PHE A 12 -0.52 2.60 6.00
C PHE A 12 -0.25 3.24 4.61
N ARG A 13 0.08 4.55 4.57
CA ARG A 13 0.12 5.33 3.29
C ARG A 13 1.45 6.12 3.26
N GLY A 14 2.31 5.87 2.25
CA GLY A 14 3.62 6.56 2.07
C GLY A 14 4.26 6.45 0.63
N PRO A 15 5.55 6.82 0.26
CA PRO A 15 6.03 6.76 -1.16
C PRO A 15 6.62 5.36 -1.57
N GLY A 16 6.69 5.11 -2.90
CA GLY A 16 7.26 3.87 -3.49
C GLY A 16 6.17 2.80 -3.62
N CYS A 17 5.86 2.36 -4.85
CA CYS A 17 4.79 1.37 -5.13
C CYS A 17 5.34 -0.10 -5.37
N PRO A 18 5.63 -1.00 -4.35
CA PRO A 18 5.89 -2.45 -4.59
C PRO A 18 4.58 -3.30 -4.67
N THR A 19 4.70 -4.60 -5.05
CA THR A 19 3.61 -5.62 -4.90
C THR A 19 3.83 -6.37 -3.54
N VAL A 20 2.72 -6.81 -2.93
CA VAL A 20 2.68 -7.27 -1.49
C VAL A 20 1.85 -8.59 -1.31
N LYS A 21 2.15 -9.33 -0.22
CA LYS A 21 1.40 -10.51 0.35
C LYS A 21 -0.01 -10.93 -0.23
N PRO A 22 -0.50 -12.23 -0.34
CA PRO A 22 -1.93 -12.53 -0.66
C PRO A 22 -2.81 -12.27 0.61
N VAL A 24 -3.08 -8.62 1.85
CA VAL A 24 -2.76 -7.16 1.76
C VAL A 24 -2.80 -6.83 0.22
N THR A 25 -3.65 -5.85 -0.17
CA THR A 25 -3.84 -5.43 -1.56
C THR A 25 -3.63 -3.89 -1.48
N ILE A 26 -2.48 -3.51 -2.04
CA ILE A 26 -1.96 -2.13 -2.20
C ILE A 26 -2.82 -1.25 -3.17
N ARG A 27 -2.65 0.09 -3.09
CA ARG A 27 -3.20 1.05 -4.06
C ARG A 27 -2.05 2.05 -4.25
N CYS A 28 -1.64 2.07 -5.49
CA CYS A 28 -0.71 3.11 -6.02
C CYS A 28 -1.57 4.13 -6.80
N GLU A 29 -1.40 5.43 -6.50
CA GLU A 29 -2.31 6.52 -6.99
C GLU A 29 -2.45 6.65 -8.53
N SER A 1 3.76 9.04 -7.48
CA SER A 1 3.05 7.78 -7.16
C SER A 1 3.28 7.42 -5.68
N LYS A 2 2.17 7.12 -4.96
CA LYS A 2 2.19 6.76 -3.51
C LYS A 2 1.26 5.53 -3.24
N TYR A 3 1.74 4.59 -2.40
CA TYR A 3 1.00 3.35 -2.07
C TYR A 3 0.16 3.54 -0.80
N GLU A 4 -1.10 3.08 -0.84
CA GLU A 4 -1.97 2.97 0.36
C GLU A 4 -2.17 1.43 0.46
N TYR A 5 -1.40 0.77 1.35
CA TYR A 5 -1.47 -0.70 1.55
C TYR A 5 -1.97 -0.89 2.98
N THR A 6 -3.09 -1.62 3.04
CA THR A 6 -3.90 -1.76 4.27
C THR A 6 -3.67 -3.20 4.79
N ILE A 7 -3.43 -3.31 6.12
CA ILE A 7 -2.93 -4.55 6.75
C ILE A 7 -3.94 -4.71 7.96
N SER A 9 -6.65 -3.81 10.44
CA SER A 9 -7.46 -2.58 10.67
C SER A 9 -6.67 -1.26 10.47
N TYR A 10 -5.42 -1.32 9.93
CA TYR A 10 -4.49 -0.16 9.92
C TYR A 10 -4.16 0.18 8.45
N THR A 11 -4.36 1.45 8.05
CA THR A 11 -4.11 1.93 6.66
C THR A 11 -2.69 2.56 6.71
N PHE A 12 -1.75 1.91 6.00
CA PHE A 12 -0.33 2.36 5.93
C PHE A 12 -0.18 3.04 4.55
N ARG A 13 0.10 4.37 4.53
CA ARG A 13 0.03 5.19 3.28
C ARG A 13 1.34 6.05 3.20
N GLY A 14 2.10 5.91 2.09
CA GLY A 14 3.37 6.67 1.90
C GLY A 14 4.02 6.58 0.46
N PRO A 15 5.22 7.17 0.06
CA PRO A 15 5.73 7.09 -1.34
C PRO A 15 6.54 5.78 -1.64
N GLY A 16 6.65 5.44 -2.94
CA GLY A 16 7.42 4.27 -3.45
C GLY A 16 6.60 2.99 -3.32
N CYS A 17 6.11 2.44 -4.45
CA CYS A 17 5.12 1.33 -4.49
C CYS A 17 5.82 -0.10 -4.51
N PRO A 18 6.01 -0.91 -3.40
CA PRO A 18 6.46 -2.33 -3.49
C PRO A 18 5.32 -3.33 -3.88
N THR A 19 5.71 -4.60 -4.18
CA THR A 19 4.77 -5.75 -4.35
C THR A 19 4.34 -6.34 -2.97
N VAL A 20 3.10 -6.88 -2.93
CA VAL A 20 2.40 -7.27 -1.65
C VAL A 20 2.39 -8.81 -1.43
N LYS A 21 2.45 -9.20 -0.13
CA LYS A 21 2.23 -10.60 0.34
C LYS A 21 0.69 -10.93 0.52
N PRO A 22 0.12 -12.19 0.63
CA PRO A 22 -1.36 -12.41 0.57
C PRO A 22 -2.12 -11.92 1.85
N VAL A 24 -3.27 -8.38 1.71
CA VAL A 24 -2.91 -6.93 1.69
C VAL A 24 -3.26 -6.54 0.21
N THR A 25 -4.05 -5.47 0.02
CA THR A 25 -4.51 -5.01 -1.31
C THR A 25 -4.18 -3.49 -1.34
N ILE A 26 -3.12 -3.22 -2.10
CA ILE A 26 -2.49 -1.90 -2.34
C ILE A 26 -3.36 -0.94 -3.24
N ARG A 27 -3.04 0.37 -3.16
CA ARG A 27 -3.51 1.40 -4.14
C ARG A 27 -2.29 2.33 -4.28
N CYS A 28 -1.66 2.13 -5.42
CA CYS A 28 -0.56 2.99 -5.91
C CYS A 28 -1.23 4.00 -6.88
N GLU A 29 -1.30 5.26 -6.43
CA GLU A 29 -2.12 6.35 -7.05
C GLU A 29 -1.41 6.91 -8.30
N SER A 1 3.84 8.86 -7.38
CA SER A 1 3.33 7.54 -6.99
C SER A 1 3.46 7.39 -5.46
N LYS A 2 2.34 6.99 -4.80
CA LYS A 2 2.26 6.78 -3.32
C LYS A 2 1.42 5.50 -3.04
N TYR A 3 1.97 4.56 -2.23
CA TYR A 3 1.29 3.29 -1.87
C TYR A 3 0.40 3.50 -0.62
N GLU A 4 -0.84 3.00 -0.68
CA GLU A 4 -1.72 2.89 0.50
C GLU A 4 -1.93 1.36 0.58
N TYR A 5 -1.21 0.71 1.52
CA TYR A 5 -1.32 -0.76 1.77
C TYR A 5 -1.95 -0.87 3.15
N THR A 6 -3.11 -1.55 3.18
CA THR A 6 -4.01 -1.58 4.35
C THR A 6 -3.89 -2.99 4.98
N ILE A 7 -3.69 -3.05 6.31
CA ILE A 7 -3.28 -4.30 7.01
C ILE A 7 -4.25 -4.25 8.27
N SER A 9 -6.75 -3.03 11.08
CA SER A 9 -7.25 -1.67 11.41
C SER A 9 -6.51 -0.47 10.74
N TYR A 10 -5.27 -0.65 10.20
CA TYR A 10 -4.41 0.49 9.77
C TYR A 10 -4.49 0.67 8.24
N THR A 11 -4.54 1.96 7.81
CA THR A 11 -4.33 2.37 6.40
C THR A 11 -2.90 2.99 6.48
N PHE A 12 -1.89 2.22 6.02
CA PHE A 12 -0.46 2.66 6.03
C PHE A 12 -0.22 3.31 4.64
N ARG A 13 0.09 4.62 4.60
CA ARG A 13 0.08 5.42 3.32
C ARG A 13 1.39 6.24 3.26
N GLY A 14 2.21 6.04 2.20
CA GLY A 14 3.48 6.80 1.98
C GLY A 14 4.12 6.66 0.55
N PRO A 15 5.43 6.96 0.20
CA PRO A 15 5.95 6.84 -1.19
C PRO A 15 6.47 5.40 -1.56
N GLY A 16 6.59 5.12 -2.88
CA GLY A 16 7.17 3.88 -3.41
C GLY A 16 6.10 2.79 -3.53
N CYS A 17 5.82 2.33 -4.77
CA CYS A 17 4.78 1.30 -5.04
C CYS A 17 5.43 -0.14 -5.27
N PRO A 18 5.77 -1.01 -4.24
CA PRO A 18 6.19 -2.42 -4.47
C PRO A 18 5.01 -3.44 -4.61
N THR A 19 5.34 -4.71 -4.95
CA THR A 19 4.41 -5.88 -4.87
C THR A 19 4.28 -6.35 -3.39
N VAL A 20 3.09 -6.87 -3.00
CA VAL A 20 2.81 -7.24 -1.57
C VAL A 20 1.99 -8.57 -1.47
N LYS A 21 2.19 -9.28 -0.32
CA LYS A 21 1.44 -10.48 0.18
C LYS A 21 0.03 -10.85 -0.44
N PRO A 22 -0.49 -12.13 -0.62
CA PRO A 22 -1.91 -12.37 -0.99
C PRO A 22 -2.81 -12.16 0.28
N VAL A 24 -3.13 -8.56 1.63
CA VAL A 24 -2.80 -7.10 1.64
C VAL A 24 -2.91 -6.65 0.13
N THR A 25 -3.84 -5.74 -0.17
CA THR A 25 -4.14 -5.28 -1.53
C THR A 25 -3.91 -3.74 -1.47
N ILE A 26 -2.78 -3.38 -2.07
CA ILE A 26 -2.22 -2.02 -2.21
C ILE A 26 -3.06 -1.09 -3.15
N ARG A 27 -2.83 0.24 -3.06
CA ARG A 27 -3.33 1.23 -4.02
C ARG A 27 -2.13 2.18 -4.17
N CYS A 28 -1.69 2.20 -5.41
CA CYS A 28 -0.69 3.17 -5.90
C CYS A 28 -1.48 4.30 -6.59
N GLU A 29 -1.41 5.52 -6.01
CA GLU A 29 -2.28 6.67 -6.38
C GLU A 29 -1.63 7.43 -7.54
#